data_7DG5
#
_entry.id   7DG5
#
_cell.length_a   50.080
_cell.length_b   60.851
_cell.length_c   77.757
_cell.angle_alpha   72.660
_cell.angle_beta   88.430
_cell.angle_gamma   89.990
#
_symmetry.space_group_name_H-M   'P 1'
#
loop_
_entity.id
_entity.type
_entity.pdbx_description
1 polymer 'Structural maintenance of chromosomes protein 1A'
2 polymer 'Structural maintenance of chromosomes protein 3'
3 water water
#
loop_
_entity_poly.entity_id
_entity_poly.type
_entity_poly.pdbx_seq_one_letter_code
_entity_poly.pdbx_strand_id
1 'polypeptide(L)'
;DEINKELNQVMEQLGDARIDRQESSRQQRKAEIMESIKRLYPGSVYGRLIDLCQPTQKKYQIAVTKVLGKNMDAIIVDSE
KTGRDCIQYIKEQRGEPETFLPLYYLEVKPTDEKLRELKGAKLVIDVIRYEPPHIKKALQYACGNALVCDNVEDARRIAF
GGHQRHKTVALDGTLFQKSGVISGGASDLKAKARRWDEKAVDKLKEKKERLTEEL
;
A,C
2 'polypeptide(L)'
;AAKREDLEKKQQLLRAATGKAILNGIDSINKVLEHFRRKGINQHVQNGYHGIVMNNFECEPAFYTCVEVTAGNRLFYHIV
DSDEVSTKILMEFNKMNLPGEVTFLPLNKLDVRDTAYPETNDAIPMISKLRYNPRFDKAFKHVFGKTLICRSMEVSTQLA
RAFTMDCITLEGDQVSHRGALTGGYYDTRKSRLELQKDVRKAEEELGELEAKL
;
B,D
#
# COMPACT_ATOMS: atom_id res chain seq x y z
N GLU A 23 -9.89 -28.75 29.06
CA GLU A 23 -11.23 -28.87 28.51
C GLU A 23 -11.58 -27.63 27.70
N SER A 24 -12.85 -27.54 27.29
CA SER A 24 -13.36 -26.40 26.55
C SER A 24 -13.57 -25.21 27.47
N SER A 25 -12.90 -25.21 28.62
CA SER A 25 -12.82 -23.98 29.41
C SER A 25 -12.12 -22.88 28.63
N ARG A 26 -11.15 -23.26 27.77
CA ARG A 26 -10.50 -22.30 26.89
C ARG A 26 -11.53 -21.56 26.04
N GLN A 27 -12.48 -22.30 25.46
CA GLN A 27 -13.51 -21.67 24.64
C GLN A 27 -14.43 -20.79 25.47
N GLN A 28 -14.85 -21.25 26.65
CA GLN A 28 -15.71 -20.42 27.48
C GLN A 28 -14.97 -19.20 28.01
N ARG A 29 -13.66 -19.31 28.22
CA ARG A 29 -12.90 -18.21 28.80
C ARG A 29 -12.64 -17.11 27.77
N LYS A 30 -12.31 -17.47 26.53
CA LYS A 30 -12.25 -16.46 25.48
C LYS A 30 -13.61 -15.79 25.30
N ALA A 31 -14.71 -16.55 25.49
CA ALA A 31 -16.04 -15.95 25.39
C ALA A 31 -16.29 -14.95 26.51
N GLU A 32 -15.76 -15.21 27.71
CA GLU A 32 -15.89 -14.24 28.80
C GLU A 32 -15.08 -12.98 28.51
N ILE A 33 -13.84 -13.14 28.07
CA ILE A 33 -13.02 -11.99 27.68
C ILE A 33 -13.75 -11.16 26.63
N MET A 34 -14.28 -11.82 25.60
CA MET A 34 -14.95 -11.12 24.51
C MET A 34 -16.13 -10.29 25.03
N GLU A 35 -16.96 -10.90 25.88
CA GLU A 35 -18.08 -10.15 26.42
C GLU A 35 -17.60 -9.02 27.32
N SER A 36 -16.49 -9.21 28.03
CA SER A 36 -15.93 -8.14 28.84
C SER A 36 -15.50 -6.95 27.98
N ILE A 37 -14.74 -7.20 26.91
CA ILE A 37 -14.22 -6.09 26.11
C ILE A 37 -15.34 -5.44 25.33
N LYS A 38 -16.36 -6.20 24.92
CA LYS A 38 -17.56 -5.61 24.32
C LYS A 38 -18.21 -4.62 25.27
N ARG A 39 -18.26 -4.96 26.56
CA ARG A 39 -18.80 -4.03 27.56
C ARG A 39 -17.89 -2.83 27.73
N LEU A 40 -16.58 -3.04 27.65
CA LEU A 40 -15.63 -1.96 27.91
C LEU A 40 -15.68 -0.92 26.79
N TYR A 41 -15.79 -1.37 25.54
CA TYR A 41 -15.72 -0.49 24.37
C TYR A 41 -16.97 -0.77 23.55
N PRO A 42 -18.12 -0.21 23.97
CA PRO A 42 -19.44 -0.74 23.57
C PRO A 42 -19.61 -1.00 22.07
N GLY A 43 -19.68 0.05 21.27
CA GLY A 43 -19.97 -0.13 19.85
C GLY A 43 -18.75 -0.25 18.99
N SER A 44 -17.67 -0.78 19.56
CA SER A 44 -16.37 -0.85 18.90
C SER A 44 -15.87 -2.26 18.63
N VAL A 45 -16.38 -3.26 19.33
CA VAL A 45 -15.97 -4.65 19.14
C VAL A 45 -17.14 -5.39 18.52
N TYR A 46 -16.96 -5.88 17.30
CA TYR A 46 -18.07 -6.47 16.56
C TYR A 46 -18.20 -7.98 16.75
N GLY A 47 -17.11 -8.68 17.03
CA GLY A 47 -17.14 -10.11 17.19
C GLY A 47 -16.04 -10.76 16.39
N ARG A 48 -16.03 -12.09 16.36
CA ARG A 48 -15.08 -12.82 15.51
C ARG A 48 -15.57 -12.83 14.07
N LEU A 49 -14.65 -13.02 13.13
CA LEU A 49 -15.03 -13.01 11.73
C LEU A 49 -16.08 -14.08 11.45
N ILE A 50 -15.98 -15.21 12.15
CA ILE A 50 -16.93 -16.28 11.97
C ILE A 50 -18.34 -15.89 12.42
N ASP A 51 -18.46 -14.89 13.31
CA ASP A 51 -19.74 -14.35 13.73
C ASP A 51 -20.36 -13.39 12.73
N LEU A 52 -19.64 -13.02 11.67
CA LEU A 52 -20.02 -11.87 10.85
C LEU A 52 -20.11 -12.16 9.36
N CYS A 53 -19.95 -13.42 8.96
CA CYS A 53 -20.05 -13.79 7.55
C CYS A 53 -20.33 -15.28 7.49
N GLN A 54 -20.67 -15.76 6.29
CA GLN A 54 -21.02 -17.16 6.11
C GLN A 54 -20.75 -17.57 4.67
N PRO A 55 -20.19 -18.76 4.43
CA PRO A 55 -20.16 -19.29 3.06
C PRO A 55 -21.56 -19.34 2.48
N THR A 56 -21.69 -18.99 1.20
CA THR A 56 -23.02 -18.88 0.60
C THR A 56 -23.65 -20.24 0.31
N GLN A 57 -22.84 -21.28 0.09
CA GLN A 57 -23.36 -22.59 -0.27
C GLN A 57 -22.53 -23.67 0.41
N LYS A 58 -23.16 -24.82 0.68
CA LYS A 58 -22.50 -25.87 1.46
C LYS A 58 -21.18 -26.30 0.81
N LYS A 59 -21.16 -26.42 -0.53
CA LYS A 59 -20.01 -27.02 -1.20
C LYS A 59 -18.74 -26.17 -1.07
N TYR A 60 -18.88 -24.91 -0.69
CA TYR A 60 -17.73 -24.01 -0.56
C TYR A 60 -17.24 -23.86 0.88
N GLN A 61 -17.90 -24.51 1.84
CA GLN A 61 -17.58 -24.26 3.26
C GLN A 61 -16.16 -24.69 3.60
N ILE A 62 -15.69 -25.79 3.01
CA ILE A 62 -14.34 -26.23 3.33
C ILE A 62 -13.32 -25.29 2.71
N ALA A 63 -13.57 -24.84 1.47
CA ALA A 63 -12.65 -23.89 0.85
C ALA A 63 -12.63 -22.56 1.60
N VAL A 64 -13.81 -22.06 2.00
CA VAL A 64 -13.81 -20.82 2.76
C VAL A 64 -13.06 -21.02 4.08
N THR A 65 -13.33 -22.14 4.76
CA THR A 65 -12.63 -22.45 6.01
C THR A 65 -11.12 -22.45 5.82
N LYS A 66 -10.64 -23.07 4.76
CA LYS A 66 -9.20 -23.15 4.56
C LYS A 66 -8.61 -21.77 4.30
N VAL A 67 -9.24 -20.99 3.42
CA VAL A 67 -8.63 -19.71 3.03
C VAL A 67 -8.64 -18.75 4.21
N LEU A 68 -9.76 -18.66 4.93
CA LEU A 68 -9.85 -17.78 6.10
C LEU A 68 -8.87 -18.20 7.19
N GLY A 69 -8.73 -19.51 7.41
CA GLY A 69 -7.73 -20.00 8.35
C GLY A 69 -7.98 -19.47 9.74
N LYS A 70 -6.90 -18.98 10.37
CA LYS A 70 -7.02 -18.46 11.73
C LYS A 70 -7.81 -17.16 11.78
N ASN A 71 -8.03 -16.49 10.65
CA ASN A 71 -8.78 -15.24 10.67
C ASN A 71 -10.25 -15.47 10.98
N MET A 72 -10.75 -16.70 10.89
CA MET A 72 -12.09 -17.01 11.38
C MET A 72 -12.25 -16.56 12.82
N ASP A 73 -11.19 -16.62 13.61
CA ASP A 73 -11.25 -16.30 15.03
C ASP A 73 -10.64 -14.94 15.37
N ALA A 74 -10.12 -14.23 14.38
CA ALA A 74 -9.71 -12.84 14.60
C ALA A 74 -10.90 -12.03 15.10
N ILE A 75 -10.64 -11.13 16.04
CA ILE A 75 -11.67 -10.24 16.56
C ILE A 75 -11.70 -8.97 15.73
N ILE A 76 -12.86 -8.64 15.18
CA ILE A 76 -13.00 -7.47 14.32
C ILE A 76 -13.38 -6.27 15.19
N VAL A 77 -12.66 -5.16 15.04
CA VAL A 77 -12.88 -3.96 15.84
C VAL A 77 -12.89 -2.75 14.88
N ASP A 78 -13.17 -1.58 15.44
CA ASP A 78 -13.19 -0.39 14.59
C ASP A 78 -11.77 0.11 14.34
N SER A 79 -11.02 0.40 15.39
CA SER A 79 -9.83 1.24 15.28
C SER A 79 -8.61 0.55 15.86
N GLU A 80 -7.44 1.08 15.52
CA GLU A 80 -6.21 0.56 16.10
C GLU A 80 -6.18 0.76 17.61
N LYS A 81 -6.70 1.90 18.09
CA LYS A 81 -6.77 2.14 19.53
C LYS A 81 -7.63 1.10 20.22
N THR A 82 -8.78 0.74 19.63
CA THR A 82 -9.60 -0.30 20.25
C THR A 82 -8.82 -1.61 20.34
N GLY A 83 -8.14 -1.98 19.26
CA GLY A 83 -7.36 -3.21 19.28
C GLY A 83 -6.27 -3.18 20.34
N ARG A 84 -5.57 -2.05 20.47
CA ARG A 84 -4.53 -1.94 21.49
C ARG A 84 -5.12 -1.98 22.89
N ASP A 85 -6.24 -1.29 23.14
CA ASP A 85 -6.85 -1.32 24.47
C ASP A 85 -7.33 -2.73 24.81
N CYS A 86 -7.83 -3.44 23.80
CA CYS A 86 -8.33 -4.78 24.04
C CYS A 86 -7.19 -5.74 24.40
N ILE A 87 -6.08 -5.65 23.68
CA ILE A 87 -4.91 -6.46 24.00
C ILE A 87 -4.40 -6.15 25.40
N GLN A 88 -4.38 -4.85 25.76
CA GLN A 88 -3.96 -4.48 27.11
C GLN A 88 -4.86 -5.12 28.16
N TYR A 89 -6.17 -5.06 27.96
CA TYR A 89 -7.10 -5.76 28.84
C TYR A 89 -6.76 -7.24 28.94
N ILE A 90 -6.62 -7.91 27.79
CA ILE A 90 -6.35 -9.35 27.81
C ILE A 90 -5.07 -9.63 28.58
N LYS A 91 -4.04 -8.82 28.36
CA LYS A 91 -2.76 -9.04 29.02
C LYS A 91 -2.91 -8.95 30.54
N GLU A 92 -3.61 -7.92 31.02
CA GLU A 92 -3.79 -7.73 32.45
C GLU A 92 -4.54 -8.90 33.07
N GLN A 93 -5.57 -9.41 32.39
CA GLN A 93 -6.38 -10.52 32.86
C GLN A 93 -5.72 -11.88 32.70
N ARG A 94 -4.53 -11.94 32.10
CA ARG A 94 -3.85 -13.20 31.81
C ARG A 94 -4.68 -14.09 30.88
N GLY A 95 -5.33 -13.46 29.90
CA GLY A 95 -6.04 -14.20 28.89
C GLY A 95 -5.16 -14.56 27.70
N GLU A 96 -5.61 -15.58 26.95
CA GLU A 96 -4.85 -16.05 25.80
C GLU A 96 -4.81 -14.99 24.70
N PRO A 97 -3.74 -14.96 23.93
CA PRO A 97 -3.60 -13.97 22.85
C PRO A 97 -4.71 -14.03 21.81
N GLU A 98 -5.06 -12.85 21.29
CA GLU A 98 -6.06 -12.72 20.25
C GLU A 98 -5.55 -11.76 19.19
N THR A 99 -6.05 -11.94 17.97
CA THR A 99 -5.74 -11.08 16.85
C THR A 99 -6.93 -10.17 16.63
N PHE A 100 -6.66 -8.87 16.47
CA PHE A 100 -7.68 -7.86 16.26
C PHE A 100 -7.49 -7.24 14.88
N LEU A 101 -8.57 -7.19 14.10
CA LEU A 101 -8.56 -6.58 12.78
C LEU A 101 -9.35 -5.27 12.84
N PRO A 102 -8.68 -4.12 12.92
CA PRO A 102 -9.43 -2.85 12.96
C PRO A 102 -9.83 -2.45 11.54
N LEU A 103 -11.13 -2.60 11.27
CA LEU A 103 -11.68 -2.41 9.93
C LEU A 103 -11.25 -1.09 9.31
N TYR A 104 -11.29 -0.02 10.08
CA TYR A 104 -11.00 1.28 9.51
C TYR A 104 -9.52 1.58 9.44
N TYR A 105 -8.65 0.66 9.85
CA TYR A 105 -7.22 0.93 9.75
C TYR A 105 -6.50 -0.06 8.85
N LEU A 106 -7.14 -1.17 8.47
CA LEU A 106 -6.49 -2.20 7.67
C LEU A 106 -6.07 -1.64 6.32
N GLU A 107 -4.93 -2.09 5.84
CA GLU A 107 -4.39 -1.68 4.54
C GLU A 107 -4.81 -2.75 3.54
N VAL A 108 -5.84 -2.45 2.75
CA VAL A 108 -6.40 -3.38 1.80
C VAL A 108 -6.58 -2.68 0.46
N LYS A 109 -6.55 -3.47 -0.62
CA LYS A 109 -6.84 -3.03 -1.98
C LYS A 109 -8.13 -3.69 -2.45
N PRO A 110 -8.89 -3.03 -3.33
CA PRO A 110 -10.12 -3.64 -3.83
C PRO A 110 -9.82 -4.96 -4.53
N THR A 111 -10.85 -5.81 -4.57
CA THR A 111 -10.76 -7.10 -5.22
C THR A 111 -10.54 -6.94 -6.71
N ASP A 112 -9.69 -7.80 -7.27
CA ASP A 112 -9.35 -7.78 -8.70
C ASP A 112 -10.46 -8.51 -9.45
N GLU A 113 -11.48 -7.75 -9.89
CA GLU A 113 -12.64 -8.35 -10.52
C GLU A 113 -12.34 -8.99 -11.87
N LYS A 114 -11.20 -8.69 -12.50
CA LYS A 114 -10.86 -9.35 -13.74
C LYS A 114 -10.73 -10.86 -13.56
N LEU A 115 -10.40 -11.30 -12.35
CA LEU A 115 -10.22 -12.72 -12.10
C LEU A 115 -11.51 -13.50 -12.21
N ARG A 116 -12.66 -12.83 -12.19
CA ARG A 116 -13.93 -13.53 -12.42
C ARG A 116 -13.99 -14.11 -13.83
N GLU A 117 -13.14 -13.65 -14.74
CA GLU A 117 -13.16 -14.14 -16.11
C GLU A 117 -12.40 -15.45 -16.26
N LEU A 118 -11.52 -15.80 -15.30
CA LEU A 118 -10.78 -17.07 -15.38
C LEU A 118 -11.75 -18.24 -15.35
N LYS A 119 -11.71 -19.08 -16.38
CA LYS A 119 -12.56 -20.25 -16.40
C LYS A 119 -12.08 -21.26 -15.38
N GLY A 120 -13.02 -21.94 -14.73
CA GLY A 120 -12.67 -22.94 -13.76
C GLY A 120 -12.42 -22.40 -12.37
N ALA A 121 -12.66 -21.12 -12.13
CA ALA A 121 -12.32 -20.50 -10.86
C ALA A 121 -13.35 -19.44 -10.49
N LYS A 122 -13.64 -19.34 -9.19
CA LYS A 122 -14.41 -18.24 -8.63
C LYS A 122 -13.59 -17.53 -7.56
N LEU A 123 -13.87 -16.26 -7.34
CA LEU A 123 -13.24 -15.57 -6.21
C LEU A 123 -13.81 -16.11 -4.91
N VAL A 124 -12.94 -16.40 -3.95
CA VAL A 124 -13.41 -16.89 -2.66
C VAL A 124 -14.34 -15.87 -2.01
N ILE A 125 -13.99 -14.59 -2.08
CA ILE A 125 -14.82 -13.56 -1.46
C ILE A 125 -16.21 -13.49 -2.09
N ASP A 126 -16.36 -13.92 -3.34
CA ASP A 126 -17.67 -13.96 -3.98
C ASP A 126 -18.57 -15.04 -3.41
N VAL A 127 -18.00 -16.03 -2.74
CA VAL A 127 -18.79 -17.09 -2.13
C VAL A 127 -18.88 -16.91 -0.61
N ILE A 128 -18.71 -15.68 -0.12
CA ILE A 128 -18.97 -15.37 1.28
C ILE A 128 -19.98 -14.23 1.33
N ARG A 129 -20.99 -14.36 2.16
CA ARG A 129 -21.90 -13.25 2.45
C ARG A 129 -21.60 -12.77 3.87
N TYR A 130 -21.91 -11.49 4.11
CA TYR A 130 -21.55 -10.85 5.37
C TYR A 130 -22.57 -9.76 5.63
N GLU A 131 -22.79 -9.44 6.91
CA GLU A 131 -24.05 -8.74 7.10
C GLU A 131 -23.86 -7.24 7.25
N PRO A 132 -23.09 -6.75 8.23
CA PRO A 132 -22.76 -5.33 8.19
C PRO A 132 -21.85 -5.08 7.00
N PRO A 133 -22.23 -4.17 6.11
CA PRO A 133 -21.45 -3.97 4.87
C PRO A 133 -19.98 -3.74 5.11
N HIS A 134 -19.62 -3.09 6.21
CA HIS A 134 -18.23 -2.78 6.50
C HIS A 134 -17.38 -4.02 6.83
N ILE A 135 -17.99 -5.18 7.07
CA ILE A 135 -17.18 -6.39 7.20
C ILE A 135 -16.47 -6.73 5.89
N LYS A 136 -16.93 -6.16 4.76
CA LYS A 136 -16.22 -6.34 3.50
C LYS A 136 -14.71 -6.12 3.66
N LYS A 137 -14.34 -5.13 4.47
CA LYS A 137 -12.92 -4.80 4.61
C LYS A 137 -12.14 -5.93 5.28
N ALA A 138 -12.74 -6.59 6.28
CA ALA A 138 -12.07 -7.73 6.88
C ALA A 138 -11.98 -8.89 5.89
N LEU A 139 -12.99 -9.07 5.05
CA LEU A 139 -12.93 -10.15 4.07
C LEU A 139 -11.93 -9.86 2.97
N GLN A 140 -11.78 -8.59 2.57
CA GLN A 140 -10.71 -8.24 1.63
C GLN A 140 -9.36 -8.53 2.24
N TYR A 141 -9.19 -8.23 3.52
CA TYR A 141 -7.95 -8.56 4.20
C TYR A 141 -7.71 -10.06 4.18
N ALA A 142 -8.73 -10.84 4.50
CA ALA A 142 -8.54 -12.27 4.76
C ALA A 142 -8.54 -13.08 3.48
N CYS A 143 -9.34 -12.68 2.50
CA CYS A 143 -9.51 -13.41 1.25
C CYS A 143 -8.62 -12.89 0.13
N GLY A 144 -8.45 -11.57 0.06
CA GLY A 144 -7.77 -10.99 -1.08
C GLY A 144 -8.34 -11.50 -2.39
N ASN A 145 -7.46 -11.93 -3.27
CA ASN A 145 -7.83 -12.41 -4.59
C ASN A 145 -7.69 -13.93 -4.68
N ALA A 146 -7.91 -14.62 -3.56
CA ALA A 146 -7.94 -16.06 -3.57
C ALA A 146 -9.08 -16.57 -4.44
N LEU A 147 -8.85 -17.69 -5.11
CA LEU A 147 -9.83 -18.27 -6.02
C LEU A 147 -10.16 -19.70 -5.58
N VAL A 148 -11.37 -20.16 -5.87
CA VAL A 148 -11.76 -21.52 -5.53
C VAL A 148 -12.01 -22.31 -6.81
N CYS A 149 -11.52 -23.54 -6.84
CA CYS A 149 -11.58 -24.39 -8.00
C CYS A 149 -12.22 -25.73 -7.62
N ASP A 150 -12.75 -26.42 -8.62
CA ASP A 150 -13.49 -27.64 -8.31
C ASP A 150 -12.60 -28.75 -7.78
N ASN A 151 -11.35 -28.82 -8.25
CA ASN A 151 -10.53 -30.00 -7.99
C ASN A 151 -9.07 -29.58 -7.87
N VAL A 152 -8.26 -30.52 -7.39
CA VAL A 152 -6.85 -30.26 -7.11
C VAL A 152 -6.08 -29.96 -8.39
N GLU A 153 -6.40 -30.67 -9.47
CA GLU A 153 -5.69 -30.45 -10.73
C GLU A 153 -6.03 -29.07 -11.32
N ASP A 154 -7.30 -28.69 -11.33
CA ASP A 154 -7.69 -27.33 -11.71
C ASP A 154 -6.98 -26.28 -10.85
N ALA A 155 -6.97 -26.50 -9.54
CA ALA A 155 -6.39 -25.51 -8.64
C ALA A 155 -4.90 -25.35 -8.91
N ARG A 156 -4.20 -26.45 -9.18
CA ARG A 156 -2.77 -26.40 -9.42
C ARG A 156 -2.45 -25.73 -10.76
N ARG A 157 -3.24 -26.02 -11.80
CA ARG A 157 -3.00 -25.41 -13.11
C ARG A 157 -3.17 -23.89 -13.06
N ILE A 158 -4.24 -23.42 -12.42
CA ILE A 158 -4.50 -21.99 -12.40
C ILE A 158 -3.50 -21.26 -11.51
N ALA A 159 -3.10 -21.88 -10.40
CA ALA A 159 -2.17 -21.23 -9.46
C ALA A 159 -0.76 -21.15 -10.05
N PHE A 160 -0.25 -22.26 -10.56
CA PHE A 160 1.15 -22.32 -10.97
C PHE A 160 1.34 -22.15 -12.47
N GLY A 161 0.26 -22.10 -13.27
CA GLY A 161 0.42 -22.11 -14.71
C GLY A 161 1.13 -20.91 -15.29
N GLY A 162 1.05 -19.75 -14.63
CA GLY A 162 1.64 -18.53 -15.19
C GLY A 162 2.87 -18.05 -14.44
N HIS A 163 3.71 -17.23 -15.09
CA HIS A 163 4.73 -16.51 -14.33
C HIS A 163 4.06 -15.62 -13.27
N GLN A 164 2.86 -15.16 -13.57
CA GLN A 164 1.96 -14.53 -12.61
C GLN A 164 1.14 -15.64 -11.96
N ARG A 165 1.49 -16.01 -10.73
CA ARG A 165 0.77 -17.07 -10.06
C ARG A 165 -0.56 -16.56 -9.51
N HIS A 166 -1.41 -17.51 -9.10
CA HIS A 166 -2.63 -17.17 -8.38
C HIS A 166 -2.68 -17.99 -7.09
N LYS A 167 -3.42 -17.48 -6.12
CA LYS A 167 -3.74 -18.23 -4.92
C LYS A 167 -5.07 -18.94 -5.14
N THR A 168 -5.04 -20.28 -5.15
CA THR A 168 -6.22 -21.08 -5.46
C THR A 168 -6.44 -22.15 -4.41
N VAL A 169 -7.69 -22.54 -4.24
CA VAL A 169 -8.05 -23.57 -3.28
C VAL A 169 -9.10 -24.48 -3.92
N ALA A 170 -8.89 -25.78 -3.81
CA ALA A 170 -9.87 -26.72 -4.32
C ALA A 170 -10.92 -26.99 -3.24
N LEU A 171 -12.00 -27.69 -3.62
CA LEU A 171 -13.12 -27.92 -2.71
C LEU A 171 -12.73 -28.76 -1.50
N ASP A 172 -11.76 -29.66 -1.63
CA ASP A 172 -11.27 -30.45 -0.50
C ASP A 172 -10.30 -29.68 0.39
N GLY A 173 -10.07 -28.40 0.12
CA GLY A 173 -9.22 -27.60 0.99
C GLY A 173 -7.76 -27.60 0.65
N THR A 174 -7.36 -28.18 -0.47
CA THR A 174 -5.97 -28.14 -0.89
C THR A 174 -5.68 -26.75 -1.44
N LEU A 175 -4.71 -26.05 -0.84
CA LEU A 175 -4.44 -24.64 -1.14
C LEU A 175 -3.08 -24.49 -1.82
N PHE A 176 -3.08 -23.73 -2.88
CA PHE A 176 -1.90 -23.39 -3.60
C PHE A 176 -1.71 -21.83 -3.46
N GLN A 177 -0.58 -21.46 -2.91
CA GLN A 177 -0.26 -20.08 -2.70
C GLN A 177 0.78 -19.52 -3.72
N LYS A 178 0.77 -18.19 -3.89
CA LYS A 178 1.64 -17.45 -4.83
C LYS A 178 3.13 -17.67 -4.48
N SER A 179 3.44 -17.81 -3.21
CA SER A 179 4.75 -18.14 -2.69
C SER A 179 5.29 -19.54 -3.10
N GLY A 180 4.42 -20.43 -3.52
CA GLY A 180 4.65 -21.78 -3.86
C GLY A 180 4.31 -22.78 -2.74
N VAL A 181 3.82 -22.27 -1.64
CA VAL A 181 3.39 -23.11 -0.54
C VAL A 181 2.10 -23.95 -0.89
N ILE A 182 2.10 -25.21 -0.51
CA ILE A 182 1.01 -26.12 -0.72
C ILE A 182 0.61 -26.73 0.62
N SER A 183 -0.67 -26.75 0.83
CA SER A 183 -1.26 -27.25 2.05
C SER A 183 -2.63 -27.90 1.92
N GLY A 184 -2.94 -28.70 2.90
CA GLY A 184 -4.17 -29.41 3.00
C GLY A 184 -4.45 -30.19 4.25
N GLY A 185 -5.38 -31.11 4.12
CA GLY A 185 -5.82 -32.00 5.18
C GLY A 185 -7.32 -31.93 5.21
N ALA A 186 -7.86 -32.78 4.36
CA ALA A 186 -9.25 -32.78 4.07
C ALA A 186 -10.17 -33.11 5.23
N SER A 187 -9.79 -34.10 6.04
CA SER A 187 -10.59 -34.45 7.20
C SER A 187 -10.62 -33.35 8.30
N ASP A 188 -9.46 -32.81 8.63
CA ASP A 188 -9.45 -31.73 9.61
C ASP A 188 -10.27 -30.53 9.12
N LEU A 189 -10.24 -30.26 7.82
CA LEU A 189 -10.91 -29.08 7.32
C LEU A 189 -12.42 -29.28 7.31
N LYS A 190 -12.87 -30.50 7.00
CA LYS A 190 -14.28 -30.87 7.07
C LYS A 190 -14.82 -30.65 8.48
N ALA A 191 -14.07 -31.09 9.50
CA ALA A 191 -14.51 -30.91 10.87
C ALA A 191 -14.54 -29.43 11.26
N LYS A 192 -13.53 -28.67 10.84
CA LYS A 192 -13.53 -27.24 11.13
C LYS A 192 -14.73 -26.53 10.51
N ALA A 193 -15.08 -26.90 9.28
CA ALA A 193 -16.16 -26.24 8.58
C ALA A 193 -17.52 -26.49 9.24
N ARG A 194 -17.63 -27.43 10.17
CA ARG A 194 -18.89 -27.62 10.86
C ARG A 194 -19.24 -26.43 11.73
N ARG A 195 -18.26 -25.58 12.06
CA ARG A 195 -18.52 -24.39 12.86
C ARG A 195 -19.48 -23.44 12.16
N TRP A 196 -19.50 -23.42 10.82
CA TRP A 196 -20.30 -22.41 10.14
C TRP A 196 -21.79 -22.60 10.40
N ASP A 197 -22.29 -23.85 10.25
CA ASP A 197 -23.69 -24.12 10.50
C ASP A 197 -24.06 -23.93 11.97
N GLU A 198 -23.11 -24.14 12.88
CA GLU A 198 -23.39 -23.84 14.27
C GLU A 198 -23.57 -22.35 14.50
N LYS A 199 -22.74 -21.52 13.85
CA LYS A 199 -22.90 -20.08 14.02
C LYS A 199 -24.20 -19.59 13.42
N ALA A 200 -24.59 -20.15 12.27
CA ALA A 200 -25.85 -19.77 11.65
C ALA A 200 -27.02 -20.05 12.59
N VAL A 201 -26.99 -21.20 13.26
CA VAL A 201 -28.05 -21.55 14.20
C VAL A 201 -28.14 -20.54 15.32
N ASP A 202 -26.99 -20.31 15.95
CA ASP A 202 -26.85 -19.39 17.03
C ASP A 202 -27.58 -18.14 16.68
N LYS A 203 -27.42 -17.77 15.41
CA LYS A 203 -27.98 -16.70 14.62
C LYS A 203 -27.14 -15.47 14.55
N LYS B 10 11.61 -38.14 28.20
CA LYS B 10 12.51 -38.05 27.06
C LYS B 10 12.02 -36.97 26.08
N GLN B 11 12.27 -37.18 24.78
CA GLN B 11 11.77 -36.34 23.69
C GLN B 11 10.25 -36.26 23.65
N GLN B 12 9.55 -37.02 24.50
CA GLN B 12 8.10 -36.92 24.59
C GLN B 12 7.66 -35.67 25.34
N LEU B 13 8.57 -35.07 26.12
CA LEU B 13 8.30 -33.75 26.67
C LEU B 13 7.99 -32.75 25.56
N LEU B 14 8.74 -32.81 24.46
CA LEU B 14 8.44 -31.97 23.31
C LEU B 14 7.06 -32.29 22.75
N ARG B 15 6.71 -33.58 22.67
CA ARG B 15 5.41 -33.97 22.16
C ARG B 15 4.29 -33.45 23.04
N ALA B 16 4.47 -33.49 24.36
CA ALA B 16 3.43 -33.02 25.27
C ALA B 16 3.18 -31.53 25.10
N ALA B 17 4.20 -30.77 24.75
CA ALA B 17 4.03 -29.33 24.54
C ALA B 17 3.43 -28.99 23.18
N THR B 18 3.20 -29.97 22.31
CA THR B 18 2.91 -29.68 20.92
C THR B 18 1.41 -29.58 20.62
N GLY B 19 0.59 -30.41 21.24
CA GLY B 19 -0.83 -30.39 20.93
C GLY B 19 -1.23 -31.45 19.93
N LYS B 20 -2.25 -32.25 20.28
CA LYS B 20 -2.54 -33.46 19.51
C LYS B 20 -3.03 -33.14 18.10
N ALA B 21 -3.72 -32.02 17.93
CA ALA B 21 -4.10 -31.60 16.57
C ALA B 21 -2.88 -31.43 15.69
N ILE B 22 -1.80 -30.90 16.24
CA ILE B 22 -0.58 -30.66 15.47
C ILE B 22 0.17 -31.97 15.25
N LEU B 23 0.31 -32.78 16.31
CA LEU B 23 0.96 -34.09 16.17
C LEU B 23 0.24 -34.96 15.14
N ASN B 24 -1.07 -34.80 15.00
CA ASN B 24 -1.81 -35.61 14.03
C ASN B 24 -1.21 -35.52 12.63
N GLY B 25 -0.97 -34.31 12.13
CA GLY B 25 -0.39 -34.19 10.80
C GLY B 25 0.99 -34.82 10.71
N ILE B 26 1.78 -34.71 11.78
CA ILE B 26 3.12 -35.28 11.77
C ILE B 26 3.05 -36.80 11.72
N ASP B 27 2.20 -37.41 12.55
CA ASP B 27 2.04 -38.86 12.50
C ASP B 27 1.49 -39.31 11.15
N SER B 28 0.51 -38.58 10.62
CA SER B 28 -0.11 -38.99 9.36
C SER B 28 0.87 -38.94 8.21
N ILE B 29 1.71 -37.90 8.18
CA ILE B 29 2.74 -37.82 7.15
C ILE B 29 3.66 -39.04 7.23
N ASN B 30 4.01 -39.45 8.46
CA ASN B 30 4.84 -40.65 8.59
C ASN B 30 4.10 -41.90 8.19
N LYS B 31 2.77 -41.94 8.40
CA LYS B 31 1.95 -43.02 7.85
C LYS B 31 2.05 -43.08 6.31
N VAL B 32 1.98 -41.93 5.65
CA VAL B 32 2.05 -41.94 4.20
C VAL B 32 3.41 -42.44 3.75
N LEU B 33 4.48 -41.99 4.40
CA LEU B 33 5.82 -42.35 3.99
C LEU B 33 6.07 -43.84 4.17
N GLU B 34 5.71 -44.36 5.35
CA GLU B 34 5.80 -45.78 5.59
C GLU B 34 5.02 -46.57 4.53
N HIS B 35 3.79 -46.14 4.23
CA HIS B 35 3.01 -46.83 3.22
C HIS B 35 3.75 -46.88 1.89
N PHE B 36 4.25 -45.73 1.41
CA PHE B 36 5.08 -45.71 0.20
C PHE B 36 6.25 -46.68 0.31
N ARG B 37 6.82 -46.84 1.51
CA ARG B 37 7.96 -47.75 1.65
C ARG B 37 7.53 -49.20 1.57
N ARG B 38 6.34 -49.53 2.09
CA ARG B 38 5.90 -50.93 2.02
C ARG B 38 5.65 -51.36 0.58
N LYS B 39 5.26 -50.44 -0.29
CA LYS B 39 5.02 -50.76 -1.69
C LYS B 39 6.24 -50.53 -2.58
N GLY B 40 7.39 -50.13 -2.02
CA GLY B 40 8.57 -49.93 -2.86
C GLY B 40 8.43 -48.84 -3.90
N ILE B 41 7.57 -47.85 -3.66
CA ILE B 41 7.35 -46.76 -4.61
C ILE B 41 7.73 -45.44 -3.97
N ASN B 42 8.02 -44.45 -4.83
CA ASN B 42 8.15 -43.05 -4.43
C ASN B 42 9.29 -42.84 -3.43
N GLN B 43 10.46 -43.42 -3.72
CA GLN B 43 11.62 -43.18 -2.87
C GLN B 43 12.06 -41.72 -2.96
N HIS B 44 11.76 -41.05 -4.08
CA HIS B 44 12.03 -39.63 -4.21
C HIS B 44 11.22 -38.80 -3.23
N VAL B 45 10.10 -39.33 -2.75
CA VAL B 45 9.31 -38.58 -1.77
C VAL B 45 10.02 -38.56 -0.43
N GLN B 46 10.47 -39.73 0.03
CA GLN B 46 11.22 -39.79 1.29
C GLN B 46 12.52 -39.02 1.18
N ASN B 47 13.22 -39.18 0.05
CA ASN B 47 14.51 -38.51 -0.13
C ASN B 47 14.35 -37.00 -0.20
N GLY B 48 13.19 -36.52 -0.62
CA GLY B 48 12.90 -35.10 -0.67
C GLY B 48 12.13 -34.56 0.52
N TYR B 49 11.99 -35.34 1.60
CA TYR B 49 11.31 -34.88 2.80
C TYR B 49 12.36 -34.58 3.86
N HIS B 50 12.41 -33.32 4.28
CA HIS B 50 13.49 -32.83 5.14
C HIS B 50 13.02 -32.49 6.55
N GLY B 51 11.76 -32.75 6.88
CA GLY B 51 11.26 -32.56 8.23
C GLY B 51 10.67 -31.18 8.47
N ILE B 52 10.31 -30.89 9.72
CA ILE B 52 9.58 -29.67 10.02
C ILE B 52 10.52 -28.51 10.29
N VAL B 53 9.98 -27.29 10.18
CA VAL B 53 10.79 -26.08 10.36
C VAL B 53 11.53 -26.11 11.69
N MET B 54 10.80 -26.37 12.77
CA MET B 54 11.40 -26.35 14.12
C MET B 54 12.56 -27.34 14.27
N ASN B 55 12.61 -28.38 13.45
CA ASN B 55 13.69 -29.35 13.50
C ASN B 55 14.88 -28.94 12.64
N ASN B 56 14.81 -27.77 11.98
CA ASN B 56 15.86 -27.40 11.03
C ASN B 56 16.37 -25.97 11.26
N PHE B 57 16.23 -25.43 12.47
CA PHE B 57 16.97 -24.22 12.80
C PHE B 57 17.24 -24.18 14.29
N GLU B 58 18.12 -23.25 14.66
CA GLU B 58 18.47 -22.93 16.03
C GLU B 58 18.60 -21.41 16.15
N CYS B 59 18.40 -20.92 17.38
CA CYS B 59 18.57 -19.51 17.69
C CYS B 59 18.90 -19.37 19.16
N GLU B 60 19.43 -18.20 19.53
CA GLU B 60 19.76 -17.96 20.93
C GLU B 60 18.48 -17.82 21.76
N PRO B 61 18.53 -18.14 23.05
CA PRO B 61 17.30 -18.17 23.85
C PRO B 61 16.66 -16.80 24.06
N ALA B 62 17.39 -15.69 23.91
CA ALA B 62 16.73 -14.38 23.96
C ALA B 62 15.65 -14.23 22.89
N PHE B 63 15.71 -15.02 21.82
CA PHE B 63 14.76 -14.91 20.72
C PHE B 63 13.66 -15.96 20.73
N TYR B 64 13.65 -16.90 21.69
CA TYR B 64 12.66 -17.99 21.65
C TYR B 64 11.23 -17.46 21.55
N THR B 65 10.87 -16.50 22.41
CA THR B 65 9.46 -16.09 22.46
C THR B 65 9.02 -15.47 21.14
N CYS B 66 9.76 -14.46 20.66
CA CYS B 66 9.31 -13.75 19.46
C CYS B 66 9.41 -14.64 18.21
N VAL B 67 10.44 -15.47 18.12
CA VAL B 67 10.51 -16.43 17.00
C VAL B 67 9.32 -17.39 17.04
N GLU B 68 9.03 -17.96 18.22
CA GLU B 68 7.96 -18.95 18.30
C GLU B 68 6.60 -18.32 18.05
N VAL B 69 6.38 -17.12 18.58
CA VAL B 69 5.13 -16.40 18.33
C VAL B 69 5.01 -16.04 16.85
N THR B 70 6.11 -15.61 16.25
CA THR B 70 6.08 -15.26 14.82
C THR B 70 5.67 -16.47 13.98
N ALA B 71 6.32 -17.60 14.22
CA ALA B 71 6.02 -18.80 13.44
C ALA B 71 4.63 -19.35 13.73
N GLY B 72 4.23 -19.40 15.01
CA GLY B 72 2.98 -20.10 15.30
C GLY B 72 3.06 -21.53 14.80
N ASN B 73 2.00 -21.99 14.16
CA ASN B 73 2.02 -23.36 13.65
C ASN B 73 3.00 -23.54 12.51
N ARG B 74 3.55 -22.45 11.95
CA ARG B 74 4.53 -22.58 10.87
C ARG B 74 5.83 -23.26 11.34
N LEU B 75 6.06 -23.37 12.64
CA LEU B 75 7.12 -24.26 13.13
C LEU B 75 6.93 -25.70 12.65
N PHE B 76 5.71 -26.09 12.28
CA PHE B 76 5.43 -27.46 11.89
C PHE B 76 5.16 -27.60 10.40
N TYR B 77 5.48 -26.57 9.62
CA TYR B 77 5.51 -26.68 8.17
C TYR B 77 6.61 -27.65 7.75
N HIS B 78 6.38 -28.36 6.64
CA HIS B 78 7.28 -29.42 6.20
C HIS B 78 8.15 -28.94 5.03
N ILE B 79 9.47 -28.96 5.22
CA ILE B 79 10.40 -28.58 4.17
C ILE B 79 10.59 -29.78 3.26
N VAL B 80 10.28 -29.61 1.97
CA VAL B 80 10.41 -30.70 1.01
C VAL B 80 11.07 -30.17 -0.26
N ASP B 81 11.59 -31.11 -1.06
CA ASP B 81 12.30 -30.75 -2.28
C ASP B 81 11.39 -30.06 -3.28
N SER B 82 10.15 -30.53 -3.42
CA SER B 82 9.42 -30.12 -4.60
C SER B 82 7.91 -30.14 -4.39
N ASP B 83 7.23 -29.48 -5.33
CA ASP B 83 5.76 -29.58 -5.39
C ASP B 83 5.33 -30.99 -5.70
N GLU B 84 6.16 -31.76 -6.43
CA GLU B 84 5.91 -33.17 -6.64
C GLU B 84 5.85 -33.93 -5.33
N VAL B 85 6.87 -33.79 -4.49
CA VAL B 85 6.85 -34.41 -3.17
C VAL B 85 5.60 -33.98 -2.41
N SER B 86 5.25 -32.70 -2.49
CA SER B 86 4.16 -32.15 -1.71
C SER B 86 2.84 -32.79 -2.10
N THR B 87 2.55 -32.82 -3.40
CA THR B 87 1.23 -33.27 -3.84
C THR B 87 1.07 -34.78 -3.73
N LYS B 88 2.14 -35.54 -3.93
CA LYS B 88 2.06 -36.99 -3.76
C LYS B 88 1.71 -37.35 -2.32
N ILE B 89 2.41 -36.75 -1.36
CA ILE B 89 2.09 -37.02 0.05
C ILE B 89 0.62 -36.66 0.34
N LEU B 90 0.19 -35.47 -0.12
CA LEU B 90 -1.15 -34.98 0.20
C LEU B 90 -2.22 -35.83 -0.46
N MET B 91 -2.04 -36.19 -1.73
CA MET B 91 -3.01 -37.04 -2.41
C MET B 91 -3.22 -38.34 -1.64
N GLU B 92 -2.14 -38.95 -1.14
CA GLU B 92 -2.28 -40.17 -0.36
C GLU B 92 -2.84 -39.88 1.04
N PHE B 93 -2.34 -38.83 1.68
CA PHE B 93 -2.88 -38.32 2.94
C PHE B 93 -4.40 -38.26 2.93
N ASN B 94 -4.97 -37.67 1.88
CA ASN B 94 -6.42 -37.55 1.82
C ASN B 94 -7.08 -38.83 1.36
N LYS B 95 -6.43 -39.57 0.45
CA LYS B 95 -6.97 -40.88 0.07
C LYS B 95 -7.20 -41.75 1.29
N MET B 96 -6.27 -41.73 2.23
CA MET B 96 -6.37 -42.53 3.45
C MET B 96 -7.20 -41.85 4.52
N ASN B 97 -7.80 -40.69 4.23
CA ASN B 97 -8.63 -39.95 5.17
C ASN B 97 -7.93 -39.77 6.52
N LEU B 98 -6.67 -39.33 6.46
CA LEU B 98 -5.90 -39.19 7.68
C LEU B 98 -6.20 -37.83 8.32
N PRO B 99 -6.11 -37.76 9.65
CA PRO B 99 -6.34 -36.49 10.35
C PRO B 99 -5.10 -35.60 10.37
N GLY B 100 -5.30 -34.36 10.75
CA GLY B 100 -4.25 -33.38 10.78
C GLY B 100 -4.32 -32.44 9.59
N GLU B 101 -3.50 -31.40 9.65
CA GLU B 101 -3.24 -30.54 8.52
C GLU B 101 -1.75 -30.56 8.23
N VAL B 102 -1.39 -30.35 6.97
CA VAL B 102 0.02 -30.38 6.57
C VAL B 102 0.25 -29.25 5.59
N THR B 103 1.36 -28.55 5.77
CA THR B 103 1.76 -27.48 4.87
C THR B 103 3.20 -27.75 4.42
N PHE B 104 3.45 -27.59 3.12
CA PHE B 104 4.74 -27.89 2.54
C PHE B 104 5.43 -26.64 2.02
N LEU B 105 6.71 -26.53 2.31
CA LEU B 105 7.59 -25.51 1.75
C LEU B 105 8.42 -26.17 0.64
N PRO B 106 7.99 -26.09 -0.62
CA PRO B 106 8.69 -26.82 -1.69
C PRO B 106 9.88 -26.04 -2.25
N LEU B 107 11.08 -26.60 -2.13
CA LEU B 107 12.27 -25.81 -2.44
C LEU B 107 12.33 -25.40 -3.90
N ASN B 108 11.84 -26.26 -4.82
CA ASN B 108 11.86 -25.96 -6.24
C ASN B 108 10.81 -24.93 -6.66
N LYS B 109 9.87 -24.58 -5.79
CA LYS B 109 8.81 -23.66 -6.19
C LYS B 109 8.72 -22.41 -5.33
N LEU B 110 9.39 -22.38 -4.18
CA LEU B 110 9.24 -21.23 -3.29
C LEU B 110 9.67 -19.96 -4.01
N ASP B 111 8.88 -18.90 -3.83
CA ASP B 111 9.12 -17.62 -4.46
C ASP B 111 9.04 -16.57 -3.39
N VAL B 112 10.19 -16.02 -3.01
CA VAL B 112 10.27 -15.11 -1.87
C VAL B 112 10.71 -13.74 -2.36
N ARG B 113 10.20 -12.72 -1.69
CA ARG B 113 10.38 -11.34 -2.11
C ARG B 113 11.21 -10.60 -1.07
N ASP B 114 12.28 -9.96 -1.53
CA ASP B 114 13.03 -9.08 -0.65
C ASP B 114 12.24 -7.82 -0.39
N THR B 115 12.39 -7.29 0.83
CA THR B 115 11.76 -6.02 1.18
C THR B 115 12.78 -5.18 1.91
N ALA B 116 12.49 -3.88 2.02
CA ALA B 116 13.42 -2.87 2.49
C ALA B 116 13.44 -2.80 4.02
N TYR B 117 14.34 -3.56 4.63
CA TYR B 117 14.66 -3.36 6.05
C TYR B 117 15.17 -1.93 6.26
N PRO B 118 14.55 -1.14 7.13
CA PRO B 118 15.16 0.14 7.53
C PRO B 118 16.23 -0.09 8.59
N GLU B 119 17.43 0.44 8.33
CA GLU B 119 18.58 0.21 9.20
C GLU B 119 18.46 1.06 10.45
N THR B 120 18.15 0.44 11.57
CA THR B 120 17.92 1.19 12.79
C THR B 120 18.15 0.28 13.99
N ASN B 121 18.67 0.88 15.07
CA ASN B 121 18.73 0.16 16.34
C ASN B 121 17.34 -0.24 16.82
N ASP B 122 16.30 0.44 16.34
CA ASP B 122 14.96 0.22 16.85
C ASP B 122 14.34 -1.08 16.36
N ALA B 123 14.91 -1.71 15.32
CA ALA B 123 14.29 -2.89 14.74
C ALA B 123 15.33 -3.67 13.93
N ILE B 124 15.48 -4.96 14.21
CA ILE B 124 16.47 -5.77 13.50
C ILE B 124 15.80 -6.98 12.85
N PRO B 125 16.35 -7.46 11.73
CA PRO B 125 15.74 -8.59 11.02
C PRO B 125 15.72 -9.85 11.87
N MET B 126 14.55 -10.50 11.94
CA MET B 126 14.48 -11.78 12.63
C MET B 126 15.28 -12.85 11.90
N ILE B 127 15.28 -12.82 10.56
CA ILE B 127 15.86 -13.93 9.79
C ILE B 127 17.34 -14.12 10.12
N SER B 128 18.07 -13.02 10.30
CA SER B 128 19.50 -13.12 10.54
C SER B 128 19.83 -13.55 11.96
N LYS B 129 18.81 -13.86 12.77
CA LYS B 129 19.03 -14.40 14.10
C LYS B 129 18.82 -15.91 14.15
N LEU B 130 18.54 -16.55 13.03
CA LEU B 130 18.32 -17.99 12.98
C LEU B 130 19.51 -18.66 12.31
N ARG B 131 19.87 -19.84 12.80
CA ARG B 131 20.92 -20.64 12.19
C ARG B 131 20.27 -21.81 11.50
N TYR B 132 20.48 -21.93 10.20
CA TYR B 132 19.90 -23.04 9.46
C TYR B 132 20.77 -23.33 8.25
N ASN B 133 20.56 -24.51 7.70
CA ASN B 133 21.28 -24.99 6.52
C ASN B 133 20.95 -24.11 5.31
N PRO B 134 21.93 -23.52 4.64
CA PRO B 134 21.63 -22.64 3.49
C PRO B 134 20.79 -23.28 2.40
N ARG B 135 20.72 -24.61 2.33
CA ARG B 135 19.88 -25.27 1.33
C ARG B 135 18.41 -24.96 1.52
N PHE B 136 18.00 -24.66 2.75
CA PHE B 136 16.61 -24.33 3.06
C PHE B 136 16.38 -22.81 3.13
N ASP B 137 17.23 -22.02 2.50
CA ASP B 137 17.14 -20.56 2.66
C ASP B 137 15.76 -20.06 2.26
N LYS B 138 15.23 -20.53 1.13
CA LYS B 138 13.96 -20.02 0.65
C LYS B 138 12.81 -20.37 1.59
N ALA B 139 12.92 -21.51 2.27
CA ALA B 139 11.94 -21.91 3.27
C ALA B 139 11.99 -21.00 4.50
N PHE B 140 13.19 -20.70 4.99
CA PHE B 140 13.27 -19.81 6.13
C PHE B 140 13.02 -18.37 5.73
N LYS B 141 13.37 -17.96 4.51
CA LYS B 141 13.00 -16.61 4.12
C LYS B 141 11.50 -16.48 4.01
N HIS B 142 10.82 -17.52 3.53
CA HIS B 142 9.37 -17.45 3.43
C HIS B 142 8.73 -17.24 4.80
N VAL B 143 9.17 -17.99 5.81
CA VAL B 143 8.49 -17.89 7.10
C VAL B 143 8.89 -16.62 7.85
N PHE B 144 10.17 -16.24 7.79
CA PHE B 144 10.74 -15.24 8.69
C PHE B 144 11.25 -13.98 7.99
N GLY B 145 11.30 -13.97 6.67
CA GLY B 145 11.95 -12.88 5.99
C GLY B 145 11.20 -11.56 6.03
N LYS B 146 9.96 -11.57 6.52
CA LYS B 146 9.10 -10.39 6.50
C LYS B 146 8.93 -9.76 7.88
N THR B 147 9.64 -10.24 8.90
CA THR B 147 9.37 -9.78 10.25
C THR B 147 10.58 -9.11 10.85
N LEU B 148 10.36 -7.95 11.48
CA LEU B 148 11.38 -7.29 12.26
C LEU B 148 11.10 -7.49 13.73
N ILE B 149 12.18 -7.57 14.51
CA ILE B 149 12.10 -7.56 15.96
C ILE B 149 12.29 -6.11 16.42
N CYS B 150 11.29 -5.55 17.07
CA CYS B 150 11.27 -4.12 17.37
C CYS B 150 11.35 -3.84 18.86
N ARG B 151 11.82 -2.63 19.20
CA ARG B 151 12.13 -2.30 20.59
C ARG B 151 10.90 -2.09 21.45
N SER B 152 9.74 -1.81 20.85
CA SER B 152 8.57 -1.48 21.65
C SER B 152 7.33 -1.54 20.77
N MET B 153 6.17 -1.65 21.40
CA MET B 153 4.90 -1.61 20.67
C MET B 153 4.73 -0.31 19.92
N GLU B 154 5.23 0.79 20.48
CA GLU B 154 5.09 2.06 19.76
C GLU B 154 5.97 2.09 18.52
N VAL B 155 7.20 1.59 18.60
CA VAL B 155 8.05 1.51 17.41
C VAL B 155 7.44 0.54 16.41
N SER B 156 6.94 -0.60 16.90
CA SER B 156 6.28 -1.58 16.05
C SER B 156 5.13 -0.96 15.28
N THR B 157 4.35 -0.13 15.97
CA THR B 157 3.22 0.56 15.36
C THR B 157 3.67 1.42 14.18
N GLN B 158 4.79 2.14 14.36
CA GLN B 158 5.23 3.06 13.31
C GLN B 158 5.87 2.33 12.14
N LEU B 159 6.75 1.36 12.44
CA LEU B 159 7.51 0.73 11.38
C LEU B 159 6.64 -0.19 10.55
N ALA B 160 5.74 -0.95 11.20
CA ALA B 160 4.81 -1.77 10.45
C ALA B 160 3.86 -0.92 9.62
N ARG B 161 3.52 0.30 10.06
CA ARG B 161 2.66 1.13 9.23
C ARG B 161 3.40 1.65 8.01
N ALA B 162 4.62 2.16 8.20
CA ALA B 162 5.34 2.86 7.13
C ALA B 162 5.99 1.91 6.12
N PHE B 163 6.30 0.67 6.50
CA PHE B 163 7.05 -0.26 5.68
C PHE B 163 6.27 -1.56 5.49
N THR B 164 6.83 -2.46 4.68
CA THR B 164 6.18 -3.72 4.34
C THR B 164 6.77 -4.87 5.14
N MET B 165 6.82 -4.69 6.45
CA MET B 165 7.41 -5.64 7.38
C MET B 165 6.47 -5.81 8.55
N ASP B 166 6.33 -7.04 9.03
CA ASP B 166 5.69 -7.31 10.31
C ASP B 166 6.66 -6.96 11.43
N CYS B 167 6.13 -6.47 12.54
CA CYS B 167 6.94 -6.08 13.70
C CYS B 167 6.50 -6.88 14.91
N ILE B 168 7.46 -7.37 15.69
CA ILE B 168 7.16 -8.08 16.93
C ILE B 168 8.17 -7.68 17.99
N THR B 169 7.70 -7.50 19.23
CA THR B 169 8.63 -7.18 20.31
C THR B 169 9.21 -8.48 20.87
N LEU B 170 10.27 -8.35 21.68
CA LEU B 170 10.87 -9.55 22.28
C LEU B 170 9.86 -10.26 23.17
N GLU B 171 8.90 -9.51 23.71
CA GLU B 171 7.88 -10.07 24.59
C GLU B 171 6.71 -10.67 23.83
N GLY B 172 6.61 -10.44 22.50
CA GLY B 172 5.65 -11.13 21.67
C GLY B 172 4.49 -10.32 21.11
N ASP B 173 4.39 -9.02 21.43
CA ASP B 173 3.37 -8.18 20.83
C ASP B 173 3.64 -8.03 19.33
N GLN B 174 2.57 -8.11 18.51
CA GLN B 174 2.68 -8.12 17.07
C GLN B 174 1.91 -6.98 16.43
N VAL B 175 2.50 -6.37 15.41
CA VAL B 175 1.79 -5.46 14.53
C VAL B 175 2.13 -5.89 13.11
N SER B 176 1.11 -6.28 12.36
CA SER B 176 1.29 -6.71 10.98
C SER B 176 1.44 -5.50 10.07
N HIS B 177 2.16 -5.69 8.95
CA HIS B 177 2.33 -4.57 8.05
C HIS B 177 1.02 -4.12 7.40
N ARG B 178 -0.08 -4.83 7.63
CA ARG B 178 -1.37 -4.37 7.14
C ARG B 178 -2.29 -3.85 8.23
N GLY B 179 -1.84 -3.80 9.49
CA GLY B 179 -2.68 -3.27 10.56
C GLY B 179 -3.17 -4.29 11.57
N ALA B 180 -2.90 -5.58 11.38
CA ALA B 180 -3.40 -6.61 12.30
C ALA B 180 -2.59 -6.57 13.60
N LEU B 181 -3.30 -6.55 14.72
CA LEU B 181 -2.67 -6.43 16.03
C LEU B 181 -2.90 -7.71 16.82
N THR B 182 -1.83 -8.29 17.37
CA THR B 182 -1.94 -9.53 18.13
C THR B 182 -1.20 -9.37 19.45
N GLY B 183 -1.80 -9.87 20.51
CA GLY B 183 -1.15 -9.80 21.81
C GLY B 183 -2.01 -10.46 22.87
N GLY B 184 -1.39 -10.68 24.01
CA GLY B 184 -2.06 -11.26 25.14
C GLY B 184 -1.04 -11.75 26.15
N TYR B 185 -1.50 -12.59 27.06
CA TYR B 185 -0.61 -13.13 28.08
C TYR B 185 0.16 -14.32 27.53
N TYR B 186 1.47 -14.27 27.66
CA TYR B 186 2.37 -15.33 27.19
C TYR B 186 3.16 -15.86 28.39
N ASP B 187 3.02 -17.16 28.64
CA ASP B 187 3.60 -17.91 29.75
C ASP B 187 5.11 -17.75 29.93
N THR B 188 5.62 -18.13 31.10
CA THR B 188 7.05 -18.36 31.29
C THR B 188 7.42 -19.84 31.16
N ARG B 189 6.48 -20.68 30.76
CA ARG B 189 6.74 -22.10 30.52
C ARG B 189 7.91 -22.25 29.57
N LYS B 190 8.49 -23.45 29.51
CA LYS B 190 9.55 -23.67 28.55
C LYS B 190 8.99 -23.56 27.14
N SER B 191 9.72 -22.85 26.28
CA SER B 191 9.34 -22.73 24.89
C SER B 191 9.37 -24.09 24.22
N ARG B 192 8.55 -24.27 23.18
CA ARG B 192 8.73 -25.42 22.30
C ARG B 192 10.16 -25.45 21.76
N LEU B 193 10.74 -24.27 21.50
CA LEU B 193 12.08 -24.21 20.92
C LEU B 193 13.13 -24.71 21.89
N GLU B 194 12.99 -24.36 23.16
CA GLU B 194 13.91 -24.85 24.18
C GLU B 194 13.83 -26.38 24.31
N LEU B 195 12.62 -26.93 24.34
CA LEU B 195 12.48 -28.39 24.45
C LEU B 195 13.11 -29.10 23.25
N GLN B 196 12.97 -28.51 22.06
CA GLN B 196 13.63 -29.07 20.89
C GLN B 196 15.14 -28.95 21.01
N LYS B 197 15.62 -27.85 21.60
CA LYS B 197 17.06 -27.67 21.78
C LYS B 197 17.64 -28.80 22.61
N ASP B 198 16.89 -29.30 23.60
CA ASP B 198 17.36 -30.38 24.46
C ASP B 198 17.46 -31.70 23.70
N VAL B 199 16.56 -31.98 22.77
CA VAL B 199 16.67 -33.26 22.05
C VAL B 199 17.70 -33.20 20.93
N ARG B 200 18.08 -32.00 20.49
CA ARG B 200 19.15 -31.85 19.52
C ARG B 200 20.50 -31.76 20.22
N GLN C 27 7.70 30.89 -28.88
CA GLN C 27 9.05 30.67 -28.36
C GLN C 27 9.15 31.02 -26.87
N GLN C 28 9.67 32.22 -26.57
CA GLN C 28 9.73 32.72 -25.21
C GLN C 28 8.81 33.93 -25.09
N ARG C 29 7.58 33.79 -25.59
CA ARG C 29 6.57 34.82 -25.41
C ARG C 29 6.16 34.99 -23.96
N LYS C 30 6.41 33.97 -23.11
CA LYS C 30 6.13 34.13 -21.68
C LYS C 30 6.91 35.30 -21.11
N ALA C 31 8.20 35.39 -21.46
CA ALA C 31 9.02 36.51 -21.01
C ALA C 31 8.43 37.84 -21.46
N GLU C 32 8.02 37.93 -22.73
CA GLU C 32 7.42 39.16 -23.22
C GLU C 32 6.11 39.45 -22.50
N ILE C 33 5.28 38.42 -22.32
CA ILE C 33 4.04 38.60 -21.55
C ILE C 33 4.37 39.11 -20.16
N MET C 34 5.39 38.52 -19.54
CA MET C 34 5.82 38.95 -18.21
C MET C 34 6.17 40.43 -18.19
N GLU C 35 6.98 40.89 -19.14
CA GLU C 35 7.38 42.30 -19.12
C GLU C 35 6.18 43.21 -19.30
N SER C 36 5.26 42.85 -20.20
CA SER C 36 4.11 43.69 -20.46
C SER C 36 3.22 43.84 -19.23
N ILE C 37 2.91 42.74 -18.53
CA ILE C 37 2.00 42.90 -17.38
C ILE C 37 2.69 43.63 -16.25
N LYS C 38 4.02 43.57 -16.16
CA LYS C 38 4.73 44.38 -15.18
C LYS C 38 4.57 45.86 -15.46
N ARG C 39 4.62 46.27 -16.73
CA ARG C 39 4.41 47.68 -17.03
C ARG C 39 2.93 48.06 -17.03
N LEU C 40 2.02 47.12 -17.25
CA LEU C 40 0.61 47.46 -17.16
C LEU C 40 0.19 47.74 -15.70
N TYR C 41 0.74 46.98 -14.75
CA TYR C 41 0.39 47.09 -13.34
C TYR C 41 1.67 47.24 -12.55
N PRO C 42 2.22 48.48 -12.49
CA PRO C 42 3.62 48.69 -12.05
C PRO C 42 4.08 47.99 -10.78
N GLY C 43 3.50 48.32 -9.63
CA GLY C 43 3.98 47.70 -8.40
C GLY C 43 3.16 46.52 -7.93
N SER C 44 2.55 45.80 -8.86
CA SER C 44 1.61 44.72 -8.54
C SER C 44 2.03 43.34 -9.00
N VAL C 45 2.99 43.24 -9.93
CA VAL C 45 3.47 41.96 -10.45
C VAL C 45 4.93 41.83 -10.04
N TYR C 46 5.23 40.86 -9.18
CA TYR C 46 6.55 40.75 -8.58
C TYR C 46 7.48 39.83 -9.35
N GLY C 47 6.94 38.86 -10.09
CA GLY C 47 7.74 37.91 -10.82
C GLY C 47 7.33 36.51 -10.50
N ARG C 48 8.04 35.55 -11.11
CA ARG C 48 7.81 34.16 -10.78
C ARG C 48 8.51 33.79 -9.47
N LEU C 49 8.00 32.76 -8.80
CA LEU C 49 8.53 32.39 -7.50
C LEU C 49 10.03 32.12 -7.55
N ILE C 50 10.49 31.55 -8.67
CA ILE C 50 11.89 31.25 -8.79
C ILE C 50 12.74 32.52 -8.83
N ASP C 51 12.14 33.67 -9.18
CA ASP C 51 12.81 34.96 -9.12
C ASP C 51 12.92 35.55 -7.72
N LEU C 52 12.21 34.99 -6.73
CA LEU C 52 11.97 35.69 -5.47
C LEU C 52 12.47 34.93 -4.26
N CYS C 53 13.03 33.73 -4.44
CA CYS C 53 13.53 32.92 -3.34
C CYS C 53 14.68 32.07 -3.88
N GLN C 54 15.39 31.40 -2.96
CA GLN C 54 16.53 30.54 -3.30
C GLN C 54 16.68 29.48 -2.21
N PRO C 55 17.02 28.25 -2.56
CA PRO C 55 17.42 27.30 -1.52
C PRO C 55 18.71 27.79 -0.87
N THR C 56 18.78 27.66 0.46
CA THR C 56 19.87 28.25 1.21
C THR C 56 21.19 27.50 1.06
N GLN C 57 21.13 26.19 0.75
CA GLN C 57 22.30 25.35 0.61
C GLN C 57 22.16 24.48 -0.63
N LYS C 58 23.29 24.15 -1.25
CA LYS C 58 23.28 23.36 -2.48
C LYS C 58 22.56 22.02 -2.29
N LYS C 59 22.78 21.37 -1.14
CA LYS C 59 22.26 20.01 -0.95
C LYS C 59 20.74 19.97 -0.94
N TYR C 60 20.07 21.10 -0.70
CA TYR C 60 18.61 21.16 -0.63
C TYR C 60 17.95 21.55 -1.95
N GLN C 61 18.72 21.84 -3.01
CA GLN C 61 18.15 22.42 -4.22
C GLN C 61 17.20 21.45 -4.92
N ILE C 62 17.54 20.16 -4.93
CA ILE C 62 16.66 19.19 -5.56
C ILE C 62 15.40 19.01 -4.72
N ALA C 63 15.56 18.94 -3.40
CA ALA C 63 14.41 18.81 -2.53
C ALA C 63 13.47 20.00 -2.68
N VAL C 64 14.04 21.22 -2.70
CA VAL C 64 13.21 22.41 -2.86
C VAL C 64 12.55 22.40 -4.24
N THR C 65 13.30 22.04 -5.28
CA THR C 65 12.72 21.99 -6.62
C THR C 65 11.53 21.04 -6.66
N LYS C 66 11.68 19.85 -6.07
CA LYS C 66 10.58 18.90 -6.05
C LYS C 66 9.35 19.47 -5.34
N VAL C 67 9.56 20.05 -4.15
CA VAL C 67 8.41 20.43 -3.35
C VAL C 67 7.68 21.61 -4.00
N LEU C 68 8.44 22.60 -4.49
CA LEU C 68 7.84 23.74 -5.14
C LEU C 68 7.20 23.34 -6.46
N GLY C 69 7.86 22.48 -7.24
CA GLY C 69 7.25 21.96 -8.44
C GLY C 69 6.79 23.07 -9.36
N LYS C 70 5.53 22.98 -9.80
CA LYS C 70 4.95 23.94 -10.73
C LYS C 70 5.01 25.37 -10.21
N ASN C 71 4.92 25.56 -8.89
CA ASN C 71 4.84 26.91 -8.37
C ASN C 71 6.12 27.71 -8.56
N MET C 72 7.24 27.05 -8.87
CA MET C 72 8.44 27.80 -9.25
C MET C 72 8.14 28.79 -10.37
N ASP C 73 7.20 28.44 -11.24
CA ASP C 73 6.82 29.29 -12.36
C ASP C 73 5.51 30.02 -12.15
N ALA C 74 4.89 29.87 -10.98
CA ALA C 74 3.75 30.71 -10.63
C ALA C 74 4.17 32.17 -10.60
N ILE C 75 3.31 33.04 -11.09
CA ILE C 75 3.56 34.48 -11.05
C ILE C 75 2.97 35.07 -9.77
N ILE C 76 3.81 35.76 -8.99
CA ILE C 76 3.40 36.31 -7.70
C ILE C 76 2.96 37.75 -7.89
N VAL C 77 1.72 38.05 -7.52
CA VAL C 77 1.11 39.36 -7.66
C VAL C 77 0.56 39.77 -6.30
N ASP C 78 -0.03 40.96 -6.23
CA ASP C 78 -0.58 41.39 -4.94
C ASP C 78 -2.00 40.85 -4.72
N SER C 79 -2.90 41.06 -5.67
CA SER C 79 -4.32 40.95 -5.41
C SER C 79 -5.02 40.05 -6.42
N GLU C 80 -6.23 39.64 -6.03
CA GLU C 80 -7.12 38.87 -6.91
C GLU C 80 -7.38 39.63 -8.21
N LYS C 81 -7.69 40.92 -8.11
CA LYS C 81 -7.94 41.73 -9.29
C LYS C 81 -6.70 41.79 -10.18
N THR C 82 -5.51 41.98 -9.60
CA THR C 82 -4.32 41.95 -10.45
C THR C 82 -4.23 40.62 -11.20
N GLY C 83 -4.39 39.50 -10.49
CA GLY C 83 -4.38 38.20 -11.14
C GLY C 83 -5.40 38.10 -12.26
N ARG C 84 -6.63 38.56 -12.00
CA ARG C 84 -7.66 38.44 -13.03
C ARG C 84 -7.34 39.32 -14.24
N ASP C 85 -6.77 40.52 -14.02
CA ASP C 85 -6.50 41.40 -15.17
C ASP C 85 -5.36 40.84 -16.03
N CYS C 86 -4.35 40.29 -15.38
CA CYS C 86 -3.24 39.68 -16.12
C CYS C 86 -3.73 38.51 -16.96
N ILE C 87 -4.65 37.70 -16.42
CA ILE C 87 -5.19 36.57 -17.18
C ILE C 87 -6.00 37.06 -18.36
N GLN C 88 -6.77 38.15 -18.18
CA GLN C 88 -7.51 38.73 -19.30
C GLN C 88 -6.55 39.26 -20.36
N TYR C 89 -5.46 39.91 -19.94
CA TYR C 89 -4.43 40.32 -20.89
C TYR C 89 -3.91 39.13 -21.68
N ILE C 90 -3.57 38.03 -20.99
CA ILE C 90 -3.01 36.86 -21.67
C ILE C 90 -3.99 36.31 -22.69
N LYS C 91 -5.26 36.20 -22.31
CA LYS C 91 -6.31 35.78 -23.24
C LYS C 91 -6.36 36.69 -24.46
N GLU C 92 -6.31 38.00 -24.24
CA GLU C 92 -6.34 38.95 -25.35
C GLU C 92 -5.18 38.72 -26.30
N GLN C 93 -4.00 38.44 -25.75
CA GLN C 93 -2.80 38.18 -26.55
C GLN C 93 -2.71 36.76 -27.05
N ARG C 94 -3.67 35.88 -26.71
CA ARG C 94 -3.59 34.46 -27.07
C ARG C 94 -2.30 33.83 -26.54
N GLY C 95 -1.92 34.19 -25.31
CA GLY C 95 -0.73 33.66 -24.69
C GLY C 95 -0.98 32.39 -23.87
N GLU C 96 0.12 31.77 -23.47
CA GLU C 96 0.07 30.52 -22.74
C GLU C 96 -0.52 30.74 -21.35
N PRO C 97 -1.39 29.84 -20.89
CA PRO C 97 -1.97 29.99 -19.56
C PRO C 97 -0.90 30.13 -18.49
N GLU C 98 -1.22 30.92 -17.45
CA GLU C 98 -0.31 31.11 -16.32
C GLU C 98 -1.11 31.04 -15.02
N THR C 99 -0.40 30.76 -13.95
CA THR C 99 -0.96 30.74 -12.61
C THR C 99 -0.44 31.95 -11.84
N PHE C 100 -1.34 32.64 -11.15
CA PHE C 100 -1.03 33.83 -10.36
C PHE C 100 -1.38 33.58 -8.91
N LEU C 101 -0.42 33.81 -8.01
CA LEU C 101 -0.63 33.71 -6.57
C LEU C 101 -0.70 35.12 -5.97
N PRO C 102 -1.89 35.61 -5.62
CA PRO C 102 -1.98 36.96 -5.04
C PRO C 102 -1.68 36.90 -3.56
N LEU C 103 -0.51 37.39 -3.18
CA LEU C 103 0.02 37.22 -1.83
C LEU C 103 -0.97 37.65 -0.77
N TYR C 104 -1.63 38.77 -0.99
CA TYR C 104 -2.52 39.31 0.02
C TYR C 104 -3.92 38.72 -0.02
N TYR C 105 -4.13 37.69 -0.86
CA TYR C 105 -5.42 37.02 -0.90
C TYR C 105 -5.34 35.52 -0.65
N LEU C 106 -4.17 34.91 -0.76
CA LEU C 106 -4.02 33.48 -0.48
C LEU C 106 -4.48 33.12 0.92
N GLU C 107 -5.24 32.03 1.01
CA GLU C 107 -5.61 31.38 2.26
C GLU C 107 -4.46 30.50 2.71
N VAL C 108 -3.69 30.96 3.70
CA VAL C 108 -2.61 30.15 4.26
C VAL C 108 -2.68 30.24 5.77
N LYS C 109 -2.15 29.18 6.44
CA LYS C 109 -1.93 29.07 7.88
C LYS C 109 -0.44 29.23 8.18
N PRO C 110 -0.07 29.71 9.36
CA PRO C 110 1.35 29.81 9.69
C PRO C 110 1.96 28.43 9.80
N THR C 111 3.27 28.37 9.59
CA THR C 111 4.00 27.13 9.62
C THR C 111 3.90 26.47 10.99
N ASP C 112 3.59 25.17 11.00
CA ASP C 112 3.54 24.39 12.24
C ASP C 112 4.96 24.24 12.75
N GLU C 113 5.45 25.19 13.52
CA GLU C 113 6.87 25.15 13.81
C GLU C 113 7.24 24.16 14.91
N LYS C 114 6.26 23.44 15.47
CA LYS C 114 6.56 22.30 16.33
C LYS C 114 7.34 21.23 15.57
N LEU C 115 7.15 21.15 14.25
CA LEU C 115 7.76 20.11 13.45
C LEU C 115 9.28 20.18 13.43
N ARG C 116 9.87 21.31 13.83
CA ARG C 116 11.33 21.42 13.91
C ARG C 116 11.93 20.46 14.91
N GLU C 117 11.16 20.02 15.91
CA GLU C 117 11.67 19.10 16.92
C GLU C 117 11.78 17.67 16.43
N LEU C 118 11.44 17.38 15.17
CA LEU C 118 11.44 16.00 14.68
C LEU C 118 12.86 15.58 14.30
N LYS C 119 13.35 14.51 14.91
CA LYS C 119 14.65 13.98 14.54
C LYS C 119 14.68 13.57 13.07
N GLY C 120 15.75 13.94 12.38
CA GLY C 120 15.94 13.51 11.01
C GLY C 120 15.11 14.26 9.99
N ALA C 121 14.55 15.41 10.36
CA ALA C 121 13.73 16.19 9.45
C ALA C 121 13.94 17.67 9.72
N LYS C 122 13.78 18.48 8.67
CA LYS C 122 13.66 19.92 8.83
C LYS C 122 12.61 20.42 7.84
N LEU C 123 12.05 21.59 8.14
CA LEU C 123 11.02 22.13 7.27
C LEU C 123 11.65 22.60 5.96
N VAL C 124 10.98 22.31 4.85
CA VAL C 124 11.46 22.80 3.56
C VAL C 124 11.55 24.33 3.55
N ILE C 125 10.55 25.00 4.14
CA ILE C 125 10.54 26.45 4.12
C ILE C 125 11.72 27.03 4.90
N ASP C 126 12.23 26.30 5.91
CA ASP C 126 13.39 26.78 6.65
C ASP C 126 14.68 26.72 5.84
N VAL C 127 14.72 26.00 4.72
CA VAL C 127 15.93 26.01 3.88
C VAL C 127 15.65 26.76 2.59
N ILE C 128 14.69 27.67 2.62
CA ILE C 128 14.47 28.63 1.54
C ILE C 128 14.65 30.03 2.12
N ARG C 129 15.43 30.87 1.43
CA ARG C 129 15.51 32.28 1.75
C ARG C 129 14.76 33.06 0.67
N TYR C 130 14.15 34.17 1.08
CA TYR C 130 13.34 34.96 0.18
C TYR C 130 13.59 36.43 0.48
N GLU C 131 13.52 37.25 -0.55
CA GLU C 131 14.12 38.56 -0.31
C GLU C 131 13.06 39.55 0.14
N PRO C 132 12.01 39.82 -0.63
CA PRO C 132 10.95 40.69 -0.11
C PRO C 132 10.16 39.95 0.94
N PRO C 133 10.06 40.49 2.17
CA PRO C 133 9.50 39.70 3.28
C PRO C 133 8.12 39.14 3.04
N HIS C 134 7.27 39.82 2.25
CA HIS C 134 5.94 39.32 1.98
C HIS C 134 5.93 38.15 0.98
N ILE C 135 7.08 37.76 0.43
CA ILE C 135 7.12 36.51 -0.33
C ILE C 135 6.88 35.31 0.59
N LYS C 136 7.10 35.47 1.90
CA LYS C 136 6.76 34.45 2.87
C LYS C 136 5.40 33.81 2.59
N LYS C 137 4.44 34.65 2.22
CA LYS C 137 3.06 34.21 2.03
C LYS C 137 2.97 33.18 0.90
N ALA C 138 3.68 33.41 -0.20
CA ALA C 138 3.69 32.44 -1.29
C ALA C 138 4.47 31.19 -0.92
N LEU C 139 5.43 31.31 -0.01
CA LEU C 139 6.17 30.12 0.41
C LEU C 139 5.37 29.28 1.38
N GLN C 140 4.68 29.93 2.31
CA GLN C 140 3.71 29.20 3.13
C GLN C 140 2.70 28.47 2.23
N TYR C 141 2.27 29.12 1.15
CA TYR C 141 1.34 28.49 0.23
C TYR C 141 1.96 27.25 -0.40
N ALA C 142 3.20 27.37 -0.86
CA ALA C 142 3.75 26.35 -1.73
C ALA C 142 4.45 25.25 -0.96
N CYS C 143 4.99 25.55 0.22
CA CYS C 143 5.72 24.60 1.04
C CYS C 143 4.89 23.99 2.16
N GLY C 144 4.02 24.80 2.78
CA GLY C 144 3.26 24.30 3.91
C GLY C 144 4.21 23.76 4.95
N ASN C 145 3.85 22.60 5.49
CA ASN C 145 4.66 21.97 6.53
C ASN C 145 5.45 20.79 5.99
N ALA C 146 5.84 20.85 4.71
CA ALA C 146 6.63 19.79 4.11
C ALA C 146 7.99 19.73 4.79
N LEU C 147 8.57 18.54 4.83
CA LEU C 147 9.82 18.31 5.53
C LEU C 147 10.82 17.67 4.58
N VAL C 148 12.11 17.89 4.82
CA VAL C 148 13.18 17.27 4.06
C VAL C 148 14.01 16.39 4.99
N CYS C 149 14.41 15.22 4.48
CA CYS C 149 15.18 14.24 5.20
C CYS C 149 16.31 13.76 4.31
N ASP C 150 17.34 13.17 4.92
CA ASP C 150 18.53 12.85 4.15
C ASP C 150 18.32 11.73 3.14
N ASN C 151 17.39 10.82 3.39
CA ASN C 151 17.32 9.61 2.59
C ASN C 151 15.86 9.21 2.44
N VAL C 152 15.63 8.24 1.57
CA VAL C 152 14.26 7.82 1.27
C VAL C 152 13.67 7.02 2.42
N GLU C 153 14.48 6.27 3.15
CA GLU C 153 13.96 5.45 4.25
C GLU C 153 13.48 6.34 5.40
N ASP C 154 14.30 7.33 5.77
CA ASP C 154 13.87 8.35 6.72
C ASP C 154 12.60 9.06 6.24
N ALA C 155 12.61 9.53 5.00
CA ALA C 155 11.43 10.22 4.46
C ALA C 155 10.17 9.38 4.60
N ARG C 156 10.27 8.09 4.22
CA ARG C 156 9.13 7.18 4.30
C ARG C 156 8.71 6.92 5.74
N ARG C 157 9.67 6.75 6.66
CA ARG C 157 9.33 6.49 8.07
C ARG C 157 8.58 7.68 8.67
N ILE C 158 9.10 8.89 8.46
CA ILE C 158 8.49 10.07 9.06
C ILE C 158 7.16 10.42 8.38
N ALA C 159 7.05 10.18 7.07
CA ALA C 159 5.80 10.47 6.36
C ALA C 159 4.69 9.52 6.75
N PHE C 160 4.97 8.21 6.74
CA PHE C 160 3.93 7.20 6.89
C PHE C 160 3.87 6.57 8.27
N GLY C 161 4.83 6.89 9.14
CA GLY C 161 4.89 6.23 10.44
C GLY C 161 3.66 6.42 11.31
N GLY C 162 3.10 7.64 11.31
CA GLY C 162 1.97 7.96 12.18
C GLY C 162 0.64 7.99 11.43
N HIS C 163 -0.47 7.73 12.12
CA HIS C 163 -1.72 7.90 11.40
C HIS C 163 -2.01 9.35 11.14
N GLN C 164 -1.32 10.26 11.83
CA GLN C 164 -1.07 11.61 11.34
C GLN C 164 0.19 11.54 10.47
N ARG C 165 0.00 11.57 9.16
CA ARG C 165 1.13 11.51 8.24
C ARG C 165 1.78 12.88 8.09
N HIS C 166 2.97 12.88 7.51
CA HIS C 166 3.65 14.11 7.13
C HIS C 166 4.00 14.08 5.64
N LYS C 167 4.16 15.27 5.07
CA LYS C 167 4.67 15.41 3.71
C LYS C 167 6.21 15.50 3.78
N THR C 168 6.92 14.52 3.21
CA THR C 168 8.36 14.51 3.31
C THR C 168 9.01 14.33 1.95
N VAL C 169 10.23 14.84 1.84
CA VAL C 169 11.00 14.72 0.61
C VAL C 169 12.43 14.35 0.98
N ALA C 170 12.98 13.36 0.30
CA ALA C 170 14.39 13.05 0.50
C ALA C 170 15.24 13.96 -0.40
N LEU C 171 16.54 13.99 -0.12
CA LEU C 171 17.46 14.84 -0.87
C LEU C 171 17.47 14.50 -2.36
N ASP C 172 17.29 13.23 -2.71
CA ASP C 172 17.23 12.88 -4.12
C ASP C 172 15.89 13.24 -4.76
N GLY C 173 14.98 13.89 -4.04
CA GLY C 173 13.73 14.33 -4.63
C GLY C 173 12.55 13.37 -4.53
N THR C 174 12.67 12.28 -3.79
CA THR C 174 11.54 11.35 -3.67
C THR C 174 10.57 11.89 -2.63
N LEU C 175 9.31 12.11 -3.03
CA LEU C 175 8.35 12.87 -2.22
C LEU C 175 7.24 11.96 -1.71
N PHE C 176 6.97 12.01 -0.41
CA PHE C 176 5.89 11.27 0.21
C PHE C 176 4.84 12.26 0.66
N GLN C 177 3.62 12.12 0.18
CA GLN C 177 2.54 13.04 0.52
C GLN C 177 1.56 12.40 1.49
N LYS C 178 0.90 13.24 2.29
CA LYS C 178 -0.10 12.77 3.26
C LYS C 178 -1.24 12.00 2.58
N SER C 179 -1.52 12.34 1.32
CA SER C 179 -2.47 11.58 0.50
C SER C 179 -2.03 10.15 0.27
N GLY C 180 -0.76 9.84 0.51
CA GLY C 180 -0.21 8.55 0.15
C GLY C 180 0.46 8.52 -1.21
N VAL C 181 0.41 9.63 -1.95
CA VAL C 181 1.07 9.72 -3.25
C VAL C 181 2.59 9.69 -3.06
N ILE C 182 3.26 9.03 -3.99
CA ILE C 182 4.70 8.91 -4.00
C ILE C 182 5.23 9.25 -5.39
N SER C 183 6.30 10.00 -5.43
CA SER C 183 6.91 10.44 -6.66
C SER C 183 8.39 10.74 -6.58
N GLY C 184 8.98 10.80 -7.75
CA GLY C 184 10.37 11.08 -7.92
C GLY C 184 10.89 11.14 -9.34
N GLY C 185 12.20 10.97 -9.46
CA GLY C 185 12.92 11.00 -10.72
C GLY C 185 14.08 11.94 -10.52
N ALA C 186 15.15 11.32 -10.04
CA ALA C 186 16.31 12.05 -9.60
C ALA C 186 17.01 12.83 -10.69
N SER C 187 17.13 12.23 -11.86
CA SER C 187 17.77 12.87 -12.97
C SER C 187 17.05 14.12 -13.50
N ASP C 188 15.76 14.04 -13.72
CA ASP C 188 15.01 15.23 -14.13
C ASP C 188 15.07 16.31 -13.06
N LEU C 189 14.97 15.93 -11.79
CA LEU C 189 14.90 16.97 -10.76
C LEU C 189 16.24 17.65 -10.59
N LYS C 190 17.33 16.88 -10.70
CA LYS C 190 18.67 17.43 -10.69
C LYS C 190 18.85 18.48 -11.80
N ALA C 191 18.35 18.18 -12.99
CA ALA C 191 18.47 19.12 -14.10
C ALA C 191 17.57 20.34 -13.92
N LYS C 192 16.38 20.16 -13.34
CA LYS C 192 15.54 21.31 -13.02
C LYS C 192 16.24 22.23 -12.04
N ALA C 193 16.81 21.66 -10.99
CA ALA C 193 17.42 22.42 -9.92
C ALA C 193 18.60 23.28 -10.39
N ARG C 194 19.09 23.07 -11.61
CA ARG C 194 20.12 23.95 -12.13
C ARG C 194 19.60 25.36 -12.41
N ARG C 195 18.27 25.52 -12.51
CA ARG C 195 17.72 26.85 -12.72
C ARG C 195 18.03 27.79 -11.56
N TRP C 196 18.17 27.27 -10.34
CA TRP C 196 18.35 28.14 -9.18
C TRP C 196 19.63 28.96 -9.30
N ASP C 197 20.75 28.31 -9.62
CA ASP C 197 22.01 29.03 -9.76
C ASP C 197 22.00 30.00 -10.94
N GLU C 198 21.30 29.67 -12.04
CA GLU C 198 21.20 30.63 -13.14
C GLU C 198 20.45 31.87 -12.69
N LYS C 199 19.38 31.68 -11.92
CA LYS C 199 18.63 32.82 -11.41
C LYS C 199 19.46 33.67 -10.47
N ALA C 200 20.28 33.03 -9.63
CA ALA C 200 21.14 33.78 -8.72
C ALA C 200 22.10 34.68 -9.48
N VAL C 201 22.67 34.17 -10.57
CA VAL C 201 23.53 34.99 -11.43
C VAL C 201 22.76 36.18 -11.97
N ASP C 202 21.56 35.93 -12.51
CA ASP C 202 20.71 37.02 -12.99
C ASP C 202 20.60 38.13 -11.96
N LYS C 203 20.40 37.75 -10.70
CA LYS C 203 20.24 38.75 -9.65
C LYS C 203 21.50 39.61 -9.51
N LEU C 204 22.68 38.98 -9.59
CA LEU C 204 23.91 39.75 -9.61
C LEU C 204 24.14 40.41 -10.96
N LYS C 205 23.46 39.92 -12.00
CA LYS C 205 23.55 40.40 -13.38
C LYS C 205 24.92 40.10 -13.98
N LYS D 10 -3.27 7.70 -34.92
CA LYS D 10 -2.71 6.46 -34.38
C LYS D 10 -2.40 6.66 -32.90
N GLN D 11 -1.66 5.72 -32.33
CA GLN D 11 -0.97 5.99 -31.08
C GLN D 11 0.09 7.08 -31.26
N GLN D 12 0.58 7.27 -32.49
CA GLN D 12 1.62 8.26 -32.73
C GLN D 12 1.09 9.68 -32.55
N LEU D 13 -0.17 9.92 -32.94
CA LEU D 13 -0.77 11.22 -32.68
C LEU D 13 -0.79 11.51 -31.19
N LEU D 14 -1.06 10.49 -30.37
CA LEU D 14 -1.10 10.67 -28.92
C LEU D 14 0.28 10.96 -28.36
N ARG D 15 1.31 10.23 -28.81
CA ARG D 15 2.66 10.49 -28.34
C ARG D 15 3.13 11.89 -28.74
N ALA D 16 2.73 12.36 -29.92
CA ALA D 16 3.22 13.66 -30.38
C ALA D 16 2.63 14.80 -29.54
N ALA D 17 1.37 14.66 -29.12
CA ALA D 17 0.74 15.66 -28.26
C ALA D 17 1.13 15.54 -26.80
N THR D 18 1.82 14.47 -26.41
CA THR D 18 2.19 14.29 -25.01
C THR D 18 3.45 15.08 -24.67
N GLY D 19 4.43 15.11 -25.57
CA GLY D 19 5.69 15.77 -25.29
C GLY D 19 6.72 14.80 -24.73
N LYS D 20 7.99 14.95 -25.13
CA LYS D 20 9.00 13.95 -24.79
C LYS D 20 9.31 13.93 -23.30
N ALA D 21 9.33 15.11 -22.65
CA ALA D 21 9.60 15.16 -21.22
C ALA D 21 8.69 14.24 -20.42
N ILE D 22 7.44 14.08 -20.85
CA ILE D 22 6.48 13.25 -20.13
C ILE D 22 6.61 11.78 -20.53
N LEU D 23 6.82 11.51 -21.82
CA LEU D 23 6.98 10.14 -22.28
C LEU D 23 8.20 9.49 -21.65
N ASN D 24 9.20 10.30 -21.29
CA ASN D 24 10.40 9.78 -20.64
C ASN D 24 10.04 8.92 -19.42
N GLY D 25 9.25 9.47 -18.50
CA GLY D 25 8.87 8.69 -17.33
C GLY D 25 8.13 7.41 -17.69
N ILE D 26 7.27 7.49 -18.70
CA ILE D 26 6.59 6.30 -19.20
C ILE D 26 7.60 5.27 -19.71
N ASP D 27 8.48 5.70 -20.61
CA ASP D 27 9.50 4.80 -21.16
C ASP D 27 10.37 4.20 -20.05
N SER D 28 10.78 5.03 -19.09
CA SER D 28 11.70 4.52 -18.07
C SER D 28 10.99 3.54 -17.14
N ILE D 29 9.72 3.78 -16.85
CA ILE D 29 8.96 2.81 -16.06
C ILE D 29 8.94 1.46 -16.76
N ASN D 30 8.74 1.46 -18.09
CA ASN D 30 8.71 0.19 -18.81
C ASN D 30 10.08 -0.48 -18.82
N LYS D 31 11.16 0.30 -18.80
CA LYS D 31 12.51 -0.28 -18.70
C LYS D 31 12.72 -0.98 -17.37
N VAL D 32 12.20 -0.39 -16.29
CA VAL D 32 12.34 -1.05 -15.00
C VAL D 32 11.55 -2.35 -15.00
N LEU D 33 10.34 -2.31 -15.53
CA LEU D 33 9.50 -3.52 -15.56
C LEU D 33 10.17 -4.62 -16.37
N GLU D 34 10.62 -4.28 -17.58
CA GLU D 34 11.34 -5.23 -18.42
C GLU D 34 12.57 -5.76 -17.70
N HIS D 35 13.27 -4.90 -16.97
CA HIS D 35 14.44 -5.37 -16.24
C HIS D 35 14.03 -6.37 -15.15
N PHE D 36 12.94 -6.09 -14.41
CA PHE D 36 12.45 -7.06 -13.44
C PHE D 36 12.10 -8.39 -14.10
N ARG D 37 11.53 -8.38 -15.31
CA ARG D 37 11.13 -9.63 -15.93
C ARG D 37 12.35 -10.40 -16.43
N ARG D 38 13.34 -9.70 -16.95
CA ARG D 38 14.58 -10.37 -17.37
C ARG D 38 15.17 -11.18 -16.22
N LYS D 39 15.14 -10.63 -15.00
CA LYS D 39 15.70 -11.32 -13.84
C LYS D 39 14.70 -12.18 -13.10
N GLY D 40 13.45 -12.28 -13.57
CA GLY D 40 12.48 -13.14 -12.91
C GLY D 40 12.14 -12.74 -11.49
N ILE D 41 12.31 -11.47 -11.14
CA ILE D 41 12.04 -10.96 -9.81
C ILE D 41 10.87 -10.00 -9.87
N ASN D 42 10.22 -9.80 -8.72
CA ASN D 42 9.24 -8.74 -8.52
C ASN D 42 8.06 -8.85 -9.47
N GLN D 43 7.54 -10.07 -9.62
CA GLN D 43 6.30 -10.26 -10.40
C GLN D 43 5.15 -9.46 -9.81
N HIS D 44 5.16 -9.22 -8.49
CA HIS D 44 4.12 -8.43 -7.87
C HIS D 44 4.15 -6.98 -8.35
N VAL D 45 5.30 -6.49 -8.80
CA VAL D 45 5.36 -5.11 -9.29
C VAL D 45 4.56 -4.98 -10.57
N GLN D 46 4.86 -5.82 -11.57
CA GLN D 46 4.11 -5.83 -12.81
C GLN D 46 2.61 -6.05 -12.57
N ASN D 47 2.29 -7.06 -11.76
CA ASN D 47 0.89 -7.41 -11.55
C ASN D 47 0.12 -6.28 -10.88
N GLY D 48 0.80 -5.49 -10.05
CA GLY D 48 0.18 -4.37 -9.37
C GLY D 48 0.36 -3.02 -10.07
N TYR D 49 0.71 -3.03 -11.35
CA TYR D 49 0.88 -1.81 -12.13
C TYR D 49 -0.27 -1.71 -13.12
N HIS D 50 -1.07 -0.65 -13.00
CA HIS D 50 -2.31 -0.58 -13.77
C HIS D 50 -2.33 0.54 -14.82
N GLY D 51 -1.21 1.21 -15.06
CA GLY D 51 -1.15 2.22 -16.13
C GLY D 51 -1.45 3.62 -15.66
N ILE D 52 -1.52 4.56 -16.62
CA ILE D 52 -1.67 5.97 -16.28
C ILE D 52 -3.14 6.35 -16.19
N VAL D 53 -3.41 7.42 -15.43
CA VAL D 53 -4.78 7.88 -15.23
C VAL D 53 -5.51 8.02 -16.57
N MET D 54 -4.86 8.64 -17.54
CA MET D 54 -5.50 8.88 -18.84
C MET D 54 -5.96 7.59 -19.53
N ASN D 55 -5.25 6.48 -19.32
CA ASN D 55 -5.65 5.21 -19.90
C ASN D 55 -6.73 4.51 -19.11
N ASN D 56 -7.19 5.09 -17.99
CA ASN D 56 -8.11 4.36 -17.13
C ASN D 56 -9.40 5.12 -16.86
N PHE D 57 -9.73 6.14 -17.67
CA PHE D 57 -11.07 6.72 -17.59
C PHE D 57 -11.49 7.25 -18.95
N GLU D 58 -12.78 7.56 -19.05
CA GLU D 58 -13.37 8.23 -20.20
C GLU D 58 -14.40 9.23 -19.69
N CYS D 59 -14.70 10.23 -20.52
CA CYS D 59 -15.82 11.14 -20.24
C CYS D 59 -16.36 11.69 -21.54
N GLU D 60 -17.54 12.31 -21.45
CA GLU D 60 -18.14 12.90 -22.64
C GLU D 60 -17.33 14.10 -23.15
N PRO D 61 -17.34 14.36 -24.47
CA PRO D 61 -16.45 15.38 -25.02
C PRO D 61 -16.68 16.78 -24.48
N ALA D 62 -17.88 17.10 -23.99
CA ALA D 62 -18.11 18.42 -23.41
C ALA D 62 -17.16 18.71 -22.25
N PHE D 63 -16.64 17.66 -21.60
CA PHE D 63 -15.78 17.84 -20.44
C PHE D 63 -14.29 17.74 -20.75
N TYR D 64 -13.89 17.59 -22.02
CA TYR D 64 -12.48 17.33 -22.32
C TYR D 64 -11.57 18.46 -21.82
N THR D 65 -11.94 19.70 -22.10
CA THR D 65 -11.05 20.81 -21.73
C THR D 65 -10.89 20.90 -20.22
N CYS D 66 -12.01 21.03 -19.49
CA CYS D 66 -11.92 21.29 -18.05
C CYS D 66 -11.29 20.10 -17.32
N VAL D 67 -11.59 18.88 -17.78
CA VAL D 67 -10.98 17.71 -17.14
C VAL D 67 -9.48 17.67 -17.40
N GLU D 68 -9.06 17.93 -18.64
CA GLU D 68 -7.63 17.86 -18.94
C GLU D 68 -6.87 18.98 -18.22
N VAL D 69 -7.47 20.17 -18.15
CA VAL D 69 -6.79 21.30 -17.50
C VAL D 69 -6.71 21.08 -16.01
N THR D 70 -7.79 20.59 -15.40
CA THR D 70 -7.76 20.23 -13.99
C THR D 70 -6.64 19.25 -13.70
N ALA D 71 -6.56 18.18 -14.49
CA ALA D 71 -5.58 17.12 -14.25
C ALA D 71 -4.15 17.58 -14.52
N GLY D 72 -3.93 18.35 -15.60
CA GLY D 72 -2.57 18.69 -15.96
C GLY D 72 -1.77 17.43 -16.23
N ASN D 73 -0.53 17.40 -15.75
CA ASN D 73 0.32 16.24 -15.89
C ASN D 73 -0.14 15.06 -15.04
N ARG D 74 -1.17 15.25 -14.20
CA ARG D 74 -1.71 14.12 -13.44
C ARG D 74 -2.47 13.12 -14.32
N LEU D 75 -2.77 13.46 -15.57
CA LEU D 75 -3.25 12.44 -16.50
C LEU D 75 -2.22 11.33 -16.66
N PHE D 76 -0.95 11.60 -16.35
CA PHE D 76 0.14 10.65 -16.50
C PHE D 76 0.61 10.08 -15.17
N TYR D 77 -0.14 10.29 -14.08
CA TYR D 77 0.13 9.56 -12.84
C TYR D 77 -0.16 8.08 -13.01
N HIS D 78 0.59 7.26 -12.28
CA HIS D 78 0.54 5.81 -12.43
C HIS D 78 -0.28 5.17 -11.31
N ILE D 79 -1.36 4.49 -11.66
CA ILE D 79 -2.17 3.78 -10.68
C ILE D 79 -1.49 2.46 -10.40
N VAL D 80 -1.14 2.22 -9.13
CA VAL D 80 -0.46 1.01 -8.73
C VAL D 80 -1.12 0.47 -7.47
N ASP D 81 -0.91 -0.82 -7.21
CA ASP D 81 -1.58 -1.45 -6.07
C ASP D 81 -1.06 -0.93 -4.74
N SER D 82 0.24 -0.65 -4.65
CA SER D 82 0.83 -0.51 -3.34
C SER D 82 2.02 0.43 -3.36
N ASP D 83 2.39 0.90 -2.15
CA ASP D 83 3.61 1.66 -1.94
C ASP D 83 4.85 0.81 -2.12
N GLU D 84 4.72 -0.51 -1.94
CA GLU D 84 5.79 -1.42 -2.33
C GLU D 84 6.05 -1.35 -3.81
N VAL D 85 4.98 -1.40 -4.61
CA VAL D 85 5.13 -1.30 -6.06
C VAL D 85 5.77 0.04 -6.42
N SER D 86 5.27 1.12 -5.80
CA SER D 86 5.79 2.45 -6.08
C SER D 86 7.28 2.53 -5.82
N THR D 87 7.71 2.10 -4.63
CA THR D 87 9.09 2.34 -4.21
C THR D 87 10.06 1.41 -4.92
N LYS D 88 9.66 0.15 -5.14
CA LYS D 88 10.53 -0.76 -5.89
C LYS D 88 10.82 -0.19 -7.28
N ILE D 89 9.79 0.31 -7.97
CA ILE D 89 9.99 0.90 -9.30
C ILE D 89 10.92 2.10 -9.20
N LEU D 90 10.69 2.97 -8.22
CA LEU D 90 11.45 4.23 -8.11
C LEU D 90 12.91 3.95 -7.79
N MET D 91 13.17 3.06 -6.82
CA MET D 91 14.55 2.75 -6.44
C MET D 91 15.35 2.24 -7.63
N GLU D 92 14.76 1.37 -8.45
CA GLU D 92 15.47 0.90 -9.64
C GLU D 92 15.50 1.98 -10.73
N PHE D 93 14.40 2.70 -10.91
CA PHE D 93 14.35 3.89 -11.73
C PHE D 93 15.56 4.80 -11.48
N ASN D 94 15.82 5.13 -10.22
CA ASN D 94 16.90 6.04 -9.91
C ASN D 94 18.25 5.35 -9.90
N LYS D 95 18.31 4.07 -9.52
CA LYS D 95 19.55 3.33 -9.65
C LYS D 95 20.06 3.37 -11.09
N MET D 96 19.17 3.30 -12.07
CA MET D 96 19.59 3.28 -13.46
C MET D 96 19.77 4.68 -14.05
N ASN D 97 19.66 5.73 -13.23
CA ASN D 97 19.72 7.11 -13.71
C ASN D 97 18.82 7.32 -14.93
N LEU D 98 17.58 6.87 -14.82
CA LEU D 98 16.65 7.02 -15.92
C LEU D 98 16.03 8.41 -15.94
N PRO D 99 15.73 8.93 -17.12
CA PRO D 99 15.09 10.23 -17.23
C PRO D 99 13.58 10.15 -17.05
N GLY D 100 13.00 11.31 -16.78
CA GLY D 100 11.59 11.44 -16.56
C GLY D 100 11.28 11.65 -15.08
N GLU D 101 10.01 11.95 -14.83
CA GLU D 101 9.44 12.01 -13.50
C GLU D 101 8.25 11.07 -13.46
N VAL D 102 8.05 10.42 -12.32
CA VAL D 102 6.95 9.48 -12.17
C VAL D 102 6.27 9.78 -10.86
N THR D 103 4.95 9.69 -10.86
CA THR D 103 4.16 9.81 -9.65
C THR D 103 3.22 8.63 -9.58
N PHE D 104 3.13 8.02 -8.40
CA PHE D 104 2.32 6.83 -8.19
C PHE D 104 1.14 7.13 -7.27
N LEU D 105 -0.03 6.59 -7.65
CA LEU D 105 -1.26 6.57 -6.86
C LEU D 105 -1.40 5.19 -6.25
N PRO D 106 -0.95 4.97 -5.01
CA PRO D 106 -0.95 3.60 -4.46
C PRO D 106 -2.26 3.25 -3.79
N LEU D 107 -2.97 2.26 -4.33
CA LEU D 107 -4.32 1.97 -3.87
C LEU D 107 -4.36 1.66 -2.37
N ASN D 108 -3.33 0.98 -1.86
CA ASN D 108 -3.31 0.55 -0.46
C ASN D 108 -3.01 1.67 0.52
N LYS D 109 -2.47 2.79 0.06
CA LYS D 109 -2.11 3.87 0.96
C LYS D 109 -2.85 5.16 0.69
N LEU D 110 -3.57 5.27 -0.42
CA LEU D 110 -4.31 6.48 -0.70
C LEU D 110 -5.29 6.78 0.44
N ASP D 111 -5.38 8.06 0.78
CA ASP D 111 -6.26 8.55 1.83
C ASP D 111 -6.89 9.84 1.34
N VAL D 112 -8.21 9.82 1.11
CA VAL D 112 -8.90 10.92 0.47
C VAL D 112 -9.95 11.51 1.39
N ARG D 113 -10.21 12.81 1.22
CA ARG D 113 -11.14 13.56 2.07
C ARG D 113 -12.60 13.30 1.71
N ALA D 116 -17.24 17.58 0.31
CA ALA D 116 -18.69 17.69 0.34
C ALA D 116 -19.18 18.82 -0.58
N TYR D 117 -19.96 18.45 -1.61
CA TYR D 117 -20.31 19.35 -2.69
C TYR D 117 -21.57 20.14 -2.34
N PRO D 118 -21.52 21.47 -2.35
CA PRO D 118 -22.77 22.26 -2.32
C PRO D 118 -23.63 21.99 -3.55
N GLU D 119 -24.96 21.92 -3.34
CA GLU D 119 -25.90 21.50 -4.37
C GLU D 119 -26.49 22.74 -5.05
N THR D 120 -26.12 22.95 -6.31
CA THR D 120 -26.65 24.07 -7.08
C THR D 120 -26.34 23.79 -8.54
N ASN D 121 -27.19 24.32 -9.42
CA ASN D 121 -26.89 24.15 -10.84
C ASN D 121 -25.71 25.01 -11.28
N ASP D 122 -25.23 25.90 -10.41
CA ASP D 122 -24.10 26.75 -10.76
C ASP D 122 -22.77 26.01 -10.70
N ALA D 123 -22.73 24.87 -10.03
CA ALA D 123 -21.46 24.15 -9.88
C ALA D 123 -21.75 22.68 -9.67
N ILE D 124 -21.20 21.83 -10.52
CA ILE D 124 -21.40 20.39 -10.39
C ILE D 124 -20.06 19.67 -10.22
N PRO D 125 -20.03 18.57 -9.48
CA PRO D 125 -18.75 17.91 -9.18
C PRO D 125 -18.15 17.25 -10.42
N MET D 126 -16.84 17.46 -10.64
CA MET D 126 -16.20 16.89 -11.82
C MET D 126 -16.15 15.37 -11.76
N ILE D 127 -15.95 14.79 -10.57
CA ILE D 127 -15.68 13.35 -10.48
C ILE D 127 -16.83 12.54 -11.08
N SER D 128 -18.07 12.99 -10.89
CA SER D 128 -19.21 12.22 -11.33
C SER D 128 -19.41 12.28 -12.84
N LYS D 129 -18.53 12.97 -13.56
CA LYS D 129 -18.56 12.98 -15.01
C LYS D 129 -17.59 11.99 -15.62
N LEU D 130 -16.79 11.33 -14.81
CA LEU D 130 -15.81 10.37 -15.32
C LEU D 130 -16.30 8.96 -15.09
N ARG D 131 -16.03 8.10 -16.05
CA ARG D 131 -16.33 6.68 -15.95
C ARG D 131 -15.01 5.96 -15.78
N TYR D 132 -14.85 5.27 -14.65
CA TYR D 132 -13.63 4.52 -14.39
C TYR D 132 -14.01 3.28 -13.62
N ASN D 133 -13.08 2.34 -13.57
CA ASN D 133 -13.25 1.12 -12.79
C ASN D 133 -13.32 1.46 -11.29
N PRO D 134 -14.35 0.99 -10.57
CA PRO D 134 -14.45 1.34 -9.14
C PRO D 134 -13.28 0.83 -8.29
N ARG D 135 -12.49 -0.13 -8.76
CA ARG D 135 -11.27 -0.51 -8.06
C ARG D 135 -10.29 0.67 -7.95
N PHE D 136 -10.37 1.63 -8.87
CA PHE D 136 -9.48 2.78 -8.83
C PHE D 136 -10.16 4.02 -8.26
N ASP D 137 -11.20 3.83 -7.46
CA ASP D 137 -11.95 4.95 -6.92
C ASP D 137 -11.03 5.94 -6.20
N LYS D 138 -10.17 5.43 -5.31
CA LYS D 138 -9.39 6.35 -4.47
C LYS D 138 -8.41 7.16 -5.33
N ALA D 139 -7.87 6.55 -6.37
CA ALA D 139 -7.01 7.26 -7.30
C ALA D 139 -7.76 8.38 -8.03
N PHE D 140 -8.99 8.10 -8.46
CA PHE D 140 -9.73 9.14 -9.15
C PHE D 140 -10.30 10.15 -8.18
N LYS D 141 -10.68 9.73 -6.98
CA LYS D 141 -11.11 10.73 -6.01
C LYS D 141 -9.94 11.64 -5.64
N HIS D 142 -8.74 11.09 -5.54
CA HIS D 142 -7.59 11.95 -5.24
C HIS D 142 -7.37 13.01 -6.32
N VAL D 143 -7.41 12.63 -7.59
CA VAL D 143 -7.08 13.60 -8.65
C VAL D 143 -8.22 14.59 -8.85
N PHE D 144 -9.48 14.12 -8.85
CA PHE D 144 -10.60 14.93 -9.28
C PHE D 144 -11.62 15.23 -8.19
N GLY D 145 -11.48 14.65 -7.00
CA GLY D 145 -12.52 14.74 -6.01
C GLY D 145 -12.71 16.13 -5.41
N LYS D 146 -11.78 17.04 -5.64
CA LYS D 146 -11.80 18.38 -5.04
C LYS D 146 -12.19 19.46 -6.04
N THR D 147 -12.68 19.11 -7.22
CA THR D 147 -12.93 20.14 -8.22
C THR D 147 -14.38 20.17 -8.62
N LEU D 148 -14.93 21.38 -8.67
CA LEU D 148 -16.25 21.63 -9.21
C LEU D 148 -16.09 22.22 -10.59
N ILE D 149 -17.10 22.01 -11.43
CA ILE D 149 -17.23 22.64 -12.73
C ILE D 149 -18.26 23.74 -12.57
N CYS D 150 -17.84 25.00 -12.76
CA CYS D 150 -18.68 26.15 -12.42
C CYS D 150 -19.15 26.89 -13.66
N ARG D 151 -20.29 27.57 -13.50
CA ARG D 151 -20.96 28.21 -14.63
C ARG D 151 -20.19 29.41 -15.18
N SER D 152 -19.33 30.03 -14.39
CA SER D 152 -18.68 31.27 -14.80
C SER D 152 -17.49 31.54 -13.90
N MET D 153 -16.58 32.39 -14.37
CA MET D 153 -15.47 32.85 -13.53
C MET D 153 -15.99 33.50 -12.26
N GLU D 154 -17.11 34.22 -12.36
CA GLU D 154 -17.62 34.92 -11.19
C GLU D 154 -18.16 33.95 -10.15
N VAL D 155 -18.87 32.90 -10.58
CA VAL D 155 -19.32 31.87 -9.66
C VAL D 155 -18.12 31.11 -9.11
N SER D 156 -17.13 30.82 -9.96
CA SER D 156 -15.90 30.18 -9.50
C SER D 156 -15.26 30.96 -8.35
N THR D 157 -15.19 32.28 -8.50
CA THR D 157 -14.55 33.10 -7.47
C THR D 157 -15.31 32.99 -6.14
N GLN D 158 -16.65 33.01 -6.21
CA GLN D 158 -17.46 32.92 -5.00
C GLN D 158 -17.33 31.56 -4.34
N LEU D 159 -17.50 30.49 -5.11
CA LEU D 159 -17.59 29.18 -4.49
C LEU D 159 -16.23 28.70 -3.99
N ALA D 160 -15.17 28.95 -4.75
CA ALA D 160 -13.84 28.57 -4.32
C ALA D 160 -13.40 29.36 -3.10
N ARG D 161 -13.94 30.57 -2.90
CA ARG D 161 -13.55 31.33 -1.71
C ARG D 161 -14.31 30.85 -0.48
N ALA D 162 -15.60 30.54 -0.65
CA ALA D 162 -16.47 30.16 0.46
C ALA D 162 -16.25 28.73 0.92
N PHE D 163 -15.89 27.81 0.01
CA PHE D 163 -15.85 26.37 0.28
C PHE D 163 -14.46 25.80 0.01
N THR D 164 -14.29 24.51 0.25
CA THR D 164 -12.97 23.90 0.17
C THR D 164 -12.80 23.11 -1.13
N MET D 165 -13.21 23.72 -2.23
CA MET D 165 -13.19 23.06 -3.53
C MET D 165 -12.53 23.96 -4.54
N ASP D 166 -11.74 23.37 -5.44
CA ASP D 166 -11.29 24.08 -6.62
C ASP D 166 -12.45 24.25 -7.61
N CYS D 167 -12.45 25.36 -8.35
CA CYS D 167 -13.48 25.57 -9.35
C CYS D 167 -12.83 25.79 -10.71
N ILE D 168 -13.48 25.25 -11.74
CA ILE D 168 -13.03 25.40 -13.13
C ILE D 168 -14.25 25.56 -14.03
N THR D 169 -14.15 26.45 -15.02
CA THR D 169 -15.23 26.60 -15.98
C THR D 169 -15.03 25.61 -17.12
N LEU D 170 -16.10 25.41 -17.90
CA LEU D 170 -16.00 24.54 -19.06
C LEU D 170 -14.86 24.98 -19.97
N GLU D 171 -14.59 26.28 -20.03
CA GLU D 171 -13.58 26.81 -20.92
C GLU D 171 -12.18 26.70 -20.35
N GLY D 172 -12.05 26.33 -19.07
CA GLY D 172 -10.76 26.08 -18.44
C GLY D 172 -10.27 27.14 -17.45
N ASP D 173 -11.05 28.18 -17.13
CA ASP D 173 -10.59 29.15 -16.14
C ASP D 173 -10.67 28.53 -14.75
N GLN D 174 -9.62 28.72 -13.95
CA GLN D 174 -9.46 28.04 -12.67
C GLN D 174 -9.36 29.03 -11.51
N VAL D 175 -10.03 28.70 -10.40
CA VAL D 175 -9.86 29.36 -9.11
C VAL D 175 -9.70 28.26 -8.07
N SER D 176 -8.54 28.19 -7.44
CA SER D 176 -8.33 27.17 -6.42
C SER D 176 -8.97 27.61 -5.11
N HIS D 177 -9.27 26.63 -4.24
CA HIS D 177 -9.92 27.02 -2.99
C HIS D 177 -9.01 27.81 -2.07
N ARG D 178 -7.75 28.02 -2.42
CA ARG D 178 -6.87 28.82 -1.58
C ARG D 178 -6.57 30.20 -2.16
N GLY D 179 -7.08 30.52 -3.35
CA GLY D 179 -6.88 31.83 -3.95
C GLY D 179 -6.08 31.84 -5.23
N ALA D 180 -5.59 30.68 -5.70
CA ALA D 180 -4.71 30.64 -6.87
C ALA D 180 -5.53 30.76 -8.15
N LEU D 181 -5.09 31.60 -9.07
CA LEU D 181 -5.84 31.92 -10.28
C LEU D 181 -5.02 31.49 -11.49
N THR D 182 -5.63 30.65 -12.34
CA THR D 182 -4.99 30.18 -13.56
C THR D 182 -5.92 30.43 -14.73
N GLY D 183 -5.34 30.95 -15.81
CA GLY D 183 -6.09 31.21 -17.01
C GLY D 183 -5.17 31.60 -18.14
N GLY D 184 -5.70 31.54 -19.35
CA GLY D 184 -4.95 31.89 -20.54
C GLY D 184 -5.74 31.46 -21.76
N TYR D 185 -5.05 31.45 -22.90
CA TYR D 185 -5.68 30.99 -24.14
C TYR D 185 -5.49 29.50 -24.30
N TYR D 186 -6.58 28.79 -24.56
CA TYR D 186 -6.54 27.35 -24.78
C TYR D 186 -6.99 27.06 -26.20
N ARG D 189 -5.50 21.57 -31.36
CA ARG D 189 -6.75 21.79 -30.65
C ARG D 189 -7.31 20.49 -30.10
N LYS D 190 -7.05 19.38 -30.79
CA LYS D 190 -7.50 18.09 -30.29
C LYS D 190 -6.85 17.81 -28.94
N SER D 191 -7.68 17.61 -27.92
CA SER D 191 -7.18 17.33 -26.57
C SER D 191 -6.49 15.97 -26.54
N ARG D 192 -5.62 15.79 -25.54
CA ARG D 192 -5.03 14.48 -25.33
C ARG D 192 -6.12 13.44 -25.04
N LEU D 193 -7.16 13.84 -24.30
CA LEU D 193 -8.27 12.93 -24.01
C LEU D 193 -8.94 12.43 -25.29
N GLU D 194 -9.17 13.33 -26.25
CA GLU D 194 -9.80 12.91 -27.49
C GLU D 194 -8.88 12.00 -28.29
N LEU D 195 -7.58 12.32 -28.33
CA LEU D 195 -6.63 11.45 -28.99
C LEU D 195 -6.63 10.07 -28.36
N GLN D 196 -6.75 10.02 -27.03
CA GLN D 196 -6.82 8.75 -26.32
C GLN D 196 -8.11 7.99 -26.66
N LYS D 197 -9.22 8.72 -26.78
CA LYS D 197 -10.47 8.07 -27.16
C LYS D 197 -10.38 7.49 -28.57
N ASP D 198 -9.77 8.24 -29.49
CA ASP D 198 -9.50 7.69 -30.82
C ASP D 198 -8.74 6.38 -30.71
N VAL D 199 -7.73 6.33 -29.83
CA VAL D 199 -6.94 5.10 -29.67
C VAL D 199 -7.81 3.97 -29.15
N ARG D 200 -8.32 4.11 -27.93
CA ARG D 200 -9.26 3.15 -27.37
C ARG D 200 -10.58 3.18 -28.15
#